data_3LVP
#
_entry.id   3LVP
#
_cell.length_a   94.950
_cell.length_b   94.950
_cell.length_c   322.290
_cell.angle_alpha   90.00
_cell.angle_beta   90.00
_cell.angle_gamma   90.00
#
_symmetry.space_group_name_H-M   'P 43 21 2'
#
loop_
_entity.id
_entity.type
_entity.pdbx_description
1 polymer 'Insulin-like growth factor 1 receptor'
2 non-polymer 3-(4-chloro-1H-pyrrolo[2,3-b]pyridin-2-yl)-5,6-dimethoxy-1-methyl-1H-pyrrolo[3,2-b]pyridine
3 non-polymer '4-(2-HYDROXYETHYL)-1-PIPERAZINE ETHANESULFONIC ACID'
4 non-polymer 'SULFATE ION'
5 water water
#
_entity_poly.entity_id   1
_entity_poly.type   'polypeptide(L)'
_entity_poly.pdbx_seq_one_letter_code
;LVIMLYVFHRKRNNSRLGNGVLYASVNPEYFSAADVYVPDEWEVAREKITMSRELGQGSFGMVYEGVAKGVVKDEPETRV
AIKTVNEAASMRERIEFLNEASVMKEFNCHHVVRLLGVVSQGQPTLVIMELMTRGDLKSYLRSLRPEMENNPVLAPPSLS
KMIQMAGEIADGMAYLNANKFVHRDLAARNCMVAEDFTVKIGDFGMTRDIYETDYYRKGGKGLLPVRWMSPESLKDGVFT
TYSDVWSFGVVLWEIATLAEQPYQGLSNEQVLRFVMEGGLLDKPDNCPDMLFELMRMCWQYNPKMRPSFLEIISSIKEEM
EPGFREVSFYYSEENK
;
_entity_poly.pdbx_strand_id   A,B,C,D
#
# COMPACT_ATOMS: atom_id res chain seq x y z
N PRO A 39 6.74 27.57 -43.20
CA PRO A 39 5.72 27.65 -42.12
C PRO A 39 4.53 26.71 -42.36
N ASP A 40 3.40 26.99 -41.72
CA ASP A 40 2.19 26.18 -41.90
C ASP A 40 2.28 24.77 -41.29
N GLU A 41 1.11 24.21 -40.99
CA GLU A 41 0.96 22.86 -40.43
C GLU A 41 1.46 22.61 -39.01
N TRP A 42 2.78 22.59 -38.83
CA TRP A 42 3.36 22.36 -37.52
C TRP A 42 2.94 23.45 -36.54
N GLU A 43 2.72 24.64 -37.08
CA GLU A 43 2.29 25.76 -36.27
C GLU A 43 1.12 25.33 -35.38
N VAL A 44 1.09 25.82 -34.15
CA VAL A 44 -0.02 25.52 -33.23
C VAL A 44 -0.40 26.79 -32.47
N ALA A 45 -1.64 26.83 -32.00
CA ALA A 45 -2.15 27.98 -31.26
C ALA A 45 -1.30 28.37 -30.07
N ARG A 46 -1.01 29.67 -29.96
CA ARG A 46 -0.21 30.18 -28.87
C ARG A 46 -0.95 30.06 -27.55
N GLU A 47 -2.28 30.09 -27.64
CA GLU A 47 -3.14 30.00 -26.47
C GLU A 47 -3.17 28.57 -25.92
N LYS A 48 -2.69 27.61 -26.72
CA LYS A 48 -2.66 26.21 -26.30
C LYS A 48 -1.39 25.86 -25.53
N ILE A 49 -0.47 26.81 -25.42
CA ILE A 49 0.79 26.61 -24.72
C ILE A 49 0.88 27.55 -23.52
N THR A 50 0.85 26.98 -22.32
CA THR A 50 0.96 27.81 -21.13
C THR A 50 2.24 27.44 -20.35
N MET A 51 3.04 28.47 -20.05
CA MET A 51 4.30 28.29 -19.34
C MET A 51 4.15 28.22 -17.83
N SER A 52 4.49 27.06 -17.26
CA SER A 52 4.40 26.82 -15.82
C SER A 52 5.56 27.50 -15.12
N ARG A 53 6.72 26.85 -15.13
CA ARG A 53 7.92 27.39 -14.51
C ARG A 53 9.09 27.36 -15.48
N GLU A 54 10.15 28.09 -15.13
CA GLU A 54 11.35 28.16 -15.98
C GLU A 54 12.23 26.94 -15.73
N LEU A 55 12.94 26.52 -16.77
CA LEU A 55 13.87 25.40 -16.68
C LEU A 55 15.29 25.95 -16.63
N GLY A 56 15.70 26.59 -17.72
CA GLY A 56 17.04 27.15 -17.74
C GLY A 56 17.33 27.95 -18.99
N GLN A 57 18.29 28.87 -18.89
CA GLN A 57 18.65 29.69 -20.03
C GLN A 57 19.19 28.79 -21.13
N GLY A 58 18.78 29.08 -22.35
CA GLY A 58 19.23 28.30 -23.48
C GLY A 58 20.03 29.18 -24.42
N SER A 59 20.47 28.62 -25.53
CA SER A 59 21.24 29.38 -26.49
C SER A 59 20.51 30.65 -26.94
N PHE A 60 19.35 30.46 -27.54
CA PHE A 60 18.53 31.58 -28.04
C PHE A 60 17.74 32.27 -26.93
N GLY A 61 17.16 31.47 -26.05
CA GLY A 61 16.38 32.05 -24.96
C GLY A 61 15.98 31.08 -23.89
N MET A 62 15.63 31.65 -22.73
CA MET A 62 15.21 30.89 -21.56
C MET A 62 14.22 29.79 -21.89
N VAL A 63 14.60 28.55 -21.64
CA VAL A 63 13.72 27.43 -21.92
C VAL A 63 12.74 27.28 -20.74
N TYR A 64 11.48 27.01 -21.08
CA TYR A 64 10.46 26.84 -20.06
C TYR A 64 9.89 25.43 -20.07
N GLU A 65 9.00 25.17 -19.13
CA GLU A 65 8.34 23.89 -19.01
C GLU A 65 6.88 24.24 -18.83
N GLY A 66 5.99 23.59 -19.59
CA GLY A 66 4.58 23.91 -19.46
C GLY A 66 3.68 22.82 -19.98
N VAL A 67 2.50 23.21 -20.45
CA VAL A 67 1.52 22.27 -20.97
C VAL A 67 1.01 22.71 -22.35
N ALA A 68 0.84 21.76 -23.25
CA ALA A 68 0.35 22.05 -24.58
C ALA A 68 -0.98 21.36 -24.82
N LYS A 69 -1.91 22.08 -25.43
CA LYS A 69 -3.23 21.53 -25.68
C LYS A 69 -3.23 20.83 -27.03
N GLY A 70 -3.62 19.55 -27.02
CA GLY A 70 -3.70 18.76 -28.23
C GLY A 70 -2.51 18.82 -29.18
N VAL A 71 -1.41 18.19 -28.78
CA VAL A 71 -0.19 18.14 -29.62
C VAL A 71 0.24 16.69 -29.74
N VAL A 72 -0.46 15.82 -29.04
CA VAL A 72 -0.16 14.39 -29.07
C VAL A 72 -1.46 13.60 -29.17
N LYS A 73 -1.47 12.58 -30.04
CA LYS A 73 -2.65 11.73 -30.24
C LYS A 73 -3.11 11.09 -28.93
N ASP A 74 -4.43 11.08 -28.73
CA ASP A 74 -5.05 10.50 -27.53
C ASP A 74 -4.73 11.27 -26.25
N GLU A 75 -4.05 12.41 -26.38
CA GLU A 75 -3.68 13.20 -25.20
C GLU A 75 -4.24 14.63 -25.19
N PRO A 76 -5.22 14.89 -24.31
CA PRO A 76 -5.81 16.23 -24.21
C PRO A 76 -4.71 17.26 -23.98
N GLU A 77 -3.95 17.06 -22.91
CA GLU A 77 -2.86 17.97 -22.55
C GLU A 77 -1.55 17.19 -22.38
N THR A 78 -0.43 17.86 -22.70
CA THR A 78 0.88 17.23 -22.60
C THR A 78 1.93 18.17 -22.02
N ARG A 79 2.70 17.64 -21.06
CA ARG A 79 3.79 18.39 -20.43
C ARG A 79 4.85 18.55 -21.50
N VAL A 80 5.32 19.77 -21.72
CA VAL A 80 6.32 19.97 -22.75
C VAL A 80 7.40 20.92 -22.32
N ALA A 81 8.35 21.12 -23.22
CA ALA A 81 9.46 22.03 -23.00
C ALA A 81 9.26 23.12 -24.03
N ILE A 82 9.33 24.36 -23.58
CA ILE A 82 9.14 25.54 -24.42
C ILE A 82 10.45 26.29 -24.70
N LYS A 83 10.95 26.18 -25.92
CA LYS A 83 12.16 26.89 -26.33
C LYS A 83 11.76 28.27 -26.82
N THR A 84 12.26 29.31 -26.15
CA THR A 84 11.94 30.67 -26.55
C THR A 84 13.20 31.43 -26.97
N VAL A 85 13.02 32.62 -27.54
CA VAL A 85 14.16 33.44 -27.97
C VAL A 85 14.02 34.80 -27.31
N ASN A 86 15.14 35.45 -27.02
CA ASN A 86 15.09 36.77 -26.39
C ASN A 86 14.54 37.81 -27.35
N GLU A 87 13.97 38.87 -26.78
CA GLU A 87 13.43 39.96 -27.57
C GLU A 87 14.59 40.61 -28.33
N ALA A 88 15.78 40.49 -27.76
CA ALA A 88 16.99 41.07 -28.34
C ALA A 88 17.08 40.86 -29.85
N ALA A 89 17.42 39.63 -30.26
CA ALA A 89 17.57 39.33 -31.68
C ALA A 89 16.22 39.28 -32.38
N SER A 90 15.65 40.46 -32.63
CA SER A 90 14.36 40.55 -33.30
C SER A 90 14.42 39.88 -34.66
N MET A 91 15.60 39.41 -35.04
CA MET A 91 15.77 38.73 -36.31
C MET A 91 17.23 38.34 -36.46
N ARG A 92 17.62 37.97 -37.68
CA ARG A 92 18.99 37.56 -37.98
C ARG A 92 19.35 36.40 -37.07
N GLU A 93 18.35 35.84 -36.42
CA GLU A 93 18.53 34.72 -35.51
C GLU A 93 17.19 34.01 -35.30
N ARG A 94 16.11 34.79 -35.25
CA ARG A 94 14.78 34.23 -35.06
C ARG A 94 14.43 33.31 -36.21
N ILE A 95 15.11 33.52 -37.33
CA ILE A 95 14.90 32.69 -38.51
C ILE A 95 15.75 31.44 -38.30
N GLU A 96 16.95 31.65 -37.76
CA GLU A 96 17.89 30.57 -37.48
C GLU A 96 17.27 29.59 -36.50
N PHE A 97 16.55 30.13 -35.52
CA PHE A 97 15.87 29.36 -34.49
C PHE A 97 14.81 28.43 -35.08
N LEU A 98 13.82 29.03 -35.74
CA LEU A 98 12.72 28.27 -36.37
C LEU A 98 13.18 27.26 -37.40
N ASN A 99 14.35 27.47 -37.98
CA ASN A 99 14.85 26.55 -38.99
C ASN A 99 15.51 25.34 -38.36
N GLU A 100 16.12 25.54 -37.20
CA GLU A 100 16.75 24.42 -36.50
C GLU A 100 15.63 23.45 -36.12
N ALA A 101 14.47 24.01 -35.83
CA ALA A 101 13.32 23.20 -35.46
C ALA A 101 12.69 22.59 -36.71
N SER A 102 12.80 23.30 -37.83
CA SER A 102 12.25 22.80 -39.10
C SER A 102 12.92 21.47 -39.44
N VAL A 103 14.19 21.35 -39.06
CA VAL A 103 14.96 20.13 -39.30
C VAL A 103 14.31 18.99 -38.54
N MET A 104 14.10 19.20 -37.25
CA MET A 104 13.48 18.22 -36.37
C MET A 104 12.18 17.68 -36.97
N LYS A 105 11.50 18.50 -37.76
CA LYS A 105 10.24 18.10 -38.39
C LYS A 105 10.43 16.76 -39.11
N GLU A 106 11.52 16.66 -39.86
CA GLU A 106 11.83 15.44 -40.61
C GLU A 106 12.03 14.22 -39.73
N PHE A 107 12.56 14.42 -38.52
CA PHE A 107 12.82 13.32 -37.61
C PHE A 107 11.60 12.86 -36.81
N ASN A 108 11.61 11.58 -36.45
CA ASN A 108 10.55 10.99 -35.66
C ASN A 108 11.04 9.62 -35.20
N CYS A 109 11.75 9.62 -34.09
CA CYS A 109 12.30 8.39 -33.54
C CYS A 109 12.16 8.38 -32.03
N HIS A 110 12.11 7.20 -31.44
CA HIS A 110 11.99 7.11 -30.00
C HIS A 110 13.23 7.69 -29.35
N HIS A 111 14.38 7.55 -30.01
CA HIS A 111 15.63 8.05 -29.45
C HIS A 111 16.13 9.38 -30.01
N VAL A 112 15.19 10.27 -30.31
CA VAL A 112 15.49 11.59 -30.83
C VAL A 112 14.35 12.48 -30.33
N VAL A 113 14.66 13.43 -29.45
CA VAL A 113 13.63 14.31 -28.92
C VAL A 113 12.63 14.71 -30.00
N ARG A 114 11.35 14.46 -29.73
CA ARG A 114 10.29 14.77 -30.67
C ARG A 114 9.91 16.24 -30.62
N LEU A 115 9.58 16.80 -31.78
CA LEU A 115 9.14 18.18 -31.87
C LEU A 115 7.62 18.10 -31.87
N LEU A 116 6.97 18.84 -30.98
CA LEU A 116 5.51 18.80 -30.87
C LEU A 116 4.87 20.11 -31.26
N GLY A 117 5.41 20.80 -32.25
CA GLY A 117 4.81 22.05 -32.65
C GLY A 117 5.70 23.25 -32.51
N VAL A 118 5.43 24.25 -33.34
CA VAL A 118 6.20 25.49 -33.35
C VAL A 118 5.21 26.64 -33.35
N VAL A 119 5.67 27.83 -32.98
CA VAL A 119 4.80 28.99 -32.95
C VAL A 119 5.59 30.18 -33.48
N SER A 120 5.71 30.26 -34.80
CA SER A 120 6.46 31.34 -35.46
C SER A 120 5.75 32.69 -35.45
N GLN A 121 4.95 32.96 -36.46
CA GLN A 121 4.22 34.21 -36.55
C GLN A 121 3.54 34.50 -35.22
N GLY A 122 4.05 35.49 -34.49
CA GLY A 122 3.47 35.82 -33.20
C GLY A 122 4.47 36.42 -32.25
N GLN A 123 4.02 36.60 -31.00
CA GLN A 123 4.80 37.16 -29.88
C GLN A 123 6.16 36.43 -29.77
N PRO A 124 6.61 36.06 -28.55
CA PRO A 124 7.89 35.35 -28.50
C PRO A 124 7.93 34.12 -29.41
N THR A 125 8.76 34.16 -30.46
CA THR A 125 8.84 33.01 -31.35
C THR A 125 9.31 31.82 -30.53
N LEU A 126 8.45 30.81 -30.41
CA LEU A 126 8.84 29.66 -29.62
C LEU A 126 8.54 28.32 -30.28
N VAL A 127 9.14 27.29 -29.73
CA VAL A 127 8.95 25.94 -30.23
C VAL A 127 8.74 25.04 -29.02
N ILE A 128 7.82 24.08 -29.12
CA ILE A 128 7.56 23.18 -28.00
C ILE A 128 7.90 21.74 -28.38
N MET A 129 8.59 21.04 -27.49
CA MET A 129 8.97 19.67 -27.79
C MET A 129 8.95 18.75 -26.58
N GLU A 130 9.01 17.44 -26.84
CA GLU A 130 9.02 16.40 -25.82
C GLU A 130 9.84 16.80 -24.59
N LEU A 131 9.19 16.90 -23.44
CA LEU A 131 9.88 17.27 -22.21
C LEU A 131 10.86 16.19 -21.77
N MET A 132 12.08 16.61 -21.47
CA MET A 132 13.12 15.72 -20.98
C MET A 132 13.43 16.29 -19.61
N THR A 133 12.66 15.85 -18.62
CA THR A 133 12.78 16.35 -17.25
C THR A 133 14.15 16.35 -16.62
N ARG A 134 15.00 15.39 -16.99
CA ARG A 134 16.30 15.33 -16.36
C ARG A 134 17.43 16.14 -16.95
N GLY A 135 17.16 16.96 -17.96
CA GLY A 135 18.22 17.78 -18.54
C GLY A 135 19.23 17.02 -19.39
N ASP A 136 20.15 17.76 -20.00
CA ASP A 136 21.18 17.17 -20.89
C ASP A 136 22.07 16.16 -20.20
N LEU A 137 22.54 15.18 -20.98
CA LEU A 137 23.40 14.10 -20.46
C LEU A 137 24.65 14.58 -19.73
N LYS A 138 25.27 15.63 -20.22
CA LYS A 138 26.47 16.17 -19.58
C LYS A 138 26.12 16.66 -18.17
N SER A 139 25.02 17.41 -18.07
CA SER A 139 24.59 17.91 -16.76
C SER A 139 24.24 16.74 -15.85
N TYR A 140 23.42 15.83 -16.37
CA TYR A 140 23.00 14.68 -15.59
C TYR A 140 24.19 13.88 -15.10
N LEU A 141 25.18 13.66 -15.97
CA LEU A 141 26.33 12.88 -15.54
C LEU A 141 27.12 13.62 -14.45
N ARG A 142 27.35 14.91 -14.67
CA ARG A 142 28.09 15.74 -13.72
C ARG A 142 27.50 15.58 -12.33
N SER A 143 26.17 15.52 -12.27
CA SER A 143 25.44 15.39 -11.01
C SER A 143 25.69 14.10 -10.28
N LEU A 144 25.96 13.02 -11.01
CA LEU A 144 26.19 11.74 -10.38
C LEU A 144 27.53 11.69 -9.64
N ARG A 145 28.46 12.56 -9.99
CA ARG A 145 29.77 12.58 -9.34
C ARG A 145 29.65 12.85 -7.86
N PRO A 146 30.43 12.13 -7.03
CA PRO A 146 30.37 12.33 -5.58
C PRO A 146 30.76 13.76 -5.17
N GLU A 147 31.79 14.28 -5.82
CA GLU A 147 32.30 15.63 -5.56
C GLU A 147 31.21 16.63 -5.15
N MET A 148 30.00 16.43 -5.66
CA MET A 148 28.88 17.33 -5.36
C MET A 148 27.74 16.61 -4.65
N GLU A 149 28.02 16.12 -3.44
CA GLU A 149 27.03 15.40 -2.64
C GLU A 149 25.84 16.28 -2.28
N PRO A 152 23.37 12.73 -2.25
CA PRO A 152 23.07 12.09 -3.54
C PRO A 152 21.88 11.16 -3.43
N VAL A 153 21.42 10.66 -4.58
CA VAL A 153 20.28 9.75 -4.62
C VAL A 153 20.46 8.72 -5.72
N LEU A 154 21.35 9.00 -6.68
CA LEU A 154 21.65 8.10 -7.77
C LEU A 154 23.14 7.76 -7.78
N ALA A 155 23.44 6.48 -7.87
CA ALA A 155 24.83 6.04 -7.92
C ALA A 155 25.26 6.13 -9.37
N PRO A 156 26.56 6.19 -9.61
CA PRO A 156 27.09 6.28 -10.97
C PRO A 156 26.49 5.17 -11.82
N PRO A 157 26.59 5.27 -13.14
CA PRO A 157 26.01 4.21 -13.95
C PRO A 157 26.76 2.89 -13.75
N SER A 158 26.12 1.79 -14.13
CA SER A 158 26.73 0.46 -14.06
C SER A 158 27.13 0.10 -15.50
N LEU A 159 28.11 -0.79 -15.68
CA LEU A 159 28.52 -1.16 -17.03
C LEU A 159 27.29 -1.45 -17.88
N SER A 160 26.25 -1.97 -17.25
CA SER A 160 25.02 -2.27 -17.98
C SER A 160 24.33 -0.97 -18.33
N LYS A 161 24.00 -0.20 -17.30
CA LYS A 161 23.33 1.08 -17.49
C LYS A 161 24.06 2.01 -18.42
N MET A 162 25.34 1.72 -18.70
CA MET A 162 26.14 2.54 -19.60
C MET A 162 25.93 2.04 -21.03
N ILE A 163 25.86 0.73 -21.20
CA ILE A 163 25.64 0.17 -22.52
C ILE A 163 24.27 0.64 -22.99
N GLN A 164 23.28 0.47 -22.14
CA GLN A 164 21.93 0.90 -22.47
C GLN A 164 22.01 2.34 -22.92
N MET A 165 22.84 3.11 -22.23
CA MET A 165 23.01 4.52 -22.51
C MET A 165 23.70 4.72 -23.85
N ALA A 166 24.71 3.90 -24.14
CA ALA A 166 25.41 4.02 -25.39
C ALA A 166 24.50 3.61 -26.52
N GLY A 167 23.82 2.50 -26.32
CA GLY A 167 22.93 1.97 -27.34
C GLY A 167 21.77 2.86 -27.72
N GLU A 168 21.31 3.67 -26.79
CA GLU A 168 20.17 4.52 -27.08
C GLU A 168 20.62 5.66 -27.95
N ILE A 169 21.77 6.24 -27.60
CA ILE A 169 22.36 7.33 -28.34
C ILE A 169 22.61 6.83 -29.76
N ALA A 170 23.20 5.64 -29.86
CA ALA A 170 23.52 5.05 -31.16
C ALA A 170 22.29 4.79 -32.02
N ASP A 171 21.18 4.38 -31.42
CA ASP A 171 19.99 4.10 -32.20
C ASP A 171 19.56 5.38 -32.88
N GLY A 172 19.57 6.48 -32.13
CA GLY A 172 19.17 7.77 -32.67
C GLY A 172 20.11 8.25 -33.74
N MET A 173 21.40 7.98 -33.59
CA MET A 173 22.36 8.40 -34.60
C MET A 173 22.11 7.56 -35.85
N ALA A 174 21.95 6.25 -35.62
CA ALA A 174 21.70 5.29 -36.69
C ALA A 174 20.50 5.76 -37.53
N TYR A 175 19.47 6.26 -36.85
CA TYR A 175 18.27 6.76 -37.52
C TYR A 175 18.59 8.05 -38.27
N LEU A 176 19.31 8.97 -37.63
CA LEU A 176 19.65 10.23 -38.27
C LEU A 176 20.42 10.00 -39.57
N ASN A 177 21.45 9.16 -39.51
CA ASN A 177 22.25 8.85 -40.70
C ASN A 177 21.39 8.18 -41.75
N ALA A 178 20.52 7.28 -41.31
CA ALA A 178 19.63 6.56 -42.21
C ALA A 178 18.80 7.48 -43.10
N ASN A 179 18.40 8.62 -42.55
CA ASN A 179 17.61 9.59 -43.30
C ASN A 179 18.53 10.61 -43.99
N LYS A 180 19.79 10.23 -44.18
CA LYS A 180 20.78 11.09 -44.81
C LYS A 180 21.03 12.38 -44.03
N PHE A 181 21.44 12.21 -42.77
CA PHE A 181 21.73 13.33 -41.88
C PHE A 181 23.06 13.14 -41.15
N VAL A 182 23.67 14.27 -40.82
CA VAL A 182 24.95 14.30 -40.12
C VAL A 182 24.75 15.28 -38.96
N HIS A 183 25.20 14.91 -37.77
CA HIS A 183 25.01 15.77 -36.61
C HIS A 183 26.06 16.86 -36.49
N ARG A 184 27.30 16.54 -36.87
CA ARG A 184 28.40 17.50 -36.82
C ARG A 184 28.78 17.96 -35.42
N ASP A 185 27.91 17.74 -34.44
CA ASP A 185 28.22 18.12 -33.07
C ASP A 185 27.60 17.21 -32.02
N LEU A 186 27.99 15.94 -32.04
CA LEU A 186 27.47 14.97 -31.07
C LEU A 186 28.35 15.00 -29.84
N ALA A 187 27.75 15.32 -28.71
CA ALA A 187 28.47 15.39 -27.44
C ALA A 187 27.46 15.34 -26.31
N ALA A 188 27.91 14.91 -25.13
CA ALA A 188 27.03 14.80 -24.00
C ALA A 188 26.12 16.02 -23.87
N ARG A 189 26.67 17.21 -24.06
CA ARG A 189 25.87 18.42 -23.93
C ARG A 189 24.63 18.46 -24.82
N ASN A 190 24.62 17.69 -25.89
CA ASN A 190 23.47 17.67 -26.80
C ASN A 190 22.64 16.38 -26.77
N CYS A 191 22.63 15.72 -25.63
CA CYS A 191 21.82 14.54 -25.48
C CYS A 191 20.96 14.84 -24.29
N MET A 192 19.69 14.49 -24.36
CA MET A 192 18.81 14.76 -23.24
C MET A 192 18.52 13.45 -22.51
N VAL A 193 18.10 13.56 -21.25
CA VAL A 193 17.78 12.41 -20.46
C VAL A 193 16.37 12.60 -19.95
N ALA A 194 15.53 11.59 -20.19
CA ALA A 194 14.13 11.61 -19.79
C ALA A 194 13.96 11.14 -18.35
N GLU A 195 12.84 11.49 -17.73
CA GLU A 195 12.57 11.09 -16.35
C GLU A 195 12.88 9.62 -16.14
N ASP A 196 12.43 8.79 -17.08
CA ASP A 196 12.65 7.35 -16.99
C ASP A 196 14.05 6.91 -17.44
N PHE A 197 14.96 7.87 -17.49
CA PHE A 197 16.37 7.67 -17.85
C PHE A 197 16.69 7.39 -19.32
N THR A 198 15.67 7.40 -20.18
CA THR A 198 15.91 7.17 -21.59
C THR A 198 16.78 8.34 -22.06
N VAL A 199 17.81 8.06 -22.84
CA VAL A 199 18.63 9.15 -23.34
C VAL A 199 18.32 9.28 -24.83
N LYS A 200 18.16 10.51 -25.29
CA LYS A 200 17.85 10.74 -26.69
C LYS A 200 18.74 11.85 -27.23
N ILE A 201 18.71 12.06 -28.54
CA ILE A 201 19.51 13.12 -29.14
C ILE A 201 18.62 14.36 -29.25
N GLY A 202 18.87 15.36 -28.41
CA GLY A 202 18.02 16.54 -28.43
C GLY A 202 18.58 17.93 -28.71
N ASP A 203 19.46 18.03 -29.68
CA ASP A 203 20.06 19.31 -30.04
C ASP A 203 20.54 19.16 -31.47
N PHE A 204 20.12 20.07 -32.33
CA PHE A 204 20.52 19.99 -33.73
C PHE A 204 21.02 21.32 -34.28
N GLY A 205 21.77 22.05 -33.45
CA GLY A 205 22.29 23.33 -33.85
C GLY A 205 23.19 23.30 -35.09
N MET A 206 24.06 22.29 -35.18
CA MET A 206 24.96 22.17 -36.31
C MET A 206 24.49 21.07 -37.26
N THR A 207 23.55 20.27 -36.80
CA THR A 207 22.99 19.18 -37.60
C THR A 207 22.54 19.64 -38.98
N ARG A 208 23.30 19.31 -40.02
CA ARG A 208 22.94 19.70 -41.39
C ARG A 208 22.70 18.48 -42.27
N ASP A 209 22.48 18.71 -43.55
CA ASP A 209 22.22 17.63 -44.51
C ASP A 209 23.54 17.16 -45.13
N ILE A 210 23.66 15.86 -45.37
CA ILE A 210 24.89 15.32 -45.96
C ILE A 210 25.24 16.07 -47.25
N TYR A 211 24.22 16.63 -47.89
CA TYR A 211 24.37 17.38 -49.13
C TYR A 211 24.74 16.41 -50.25
N GLY A 219 28.81 32.02 -42.34
CA GLY A 219 29.15 32.37 -40.98
C GLY A 219 29.00 31.24 -39.95
N GLY A 220 29.58 31.43 -38.76
CA GLY A 220 29.50 30.42 -37.72
C GLY A 220 29.80 30.97 -36.33
N LYS A 221 28.90 31.82 -35.83
CA LYS A 221 29.07 32.45 -34.52
C LYS A 221 29.19 31.44 -33.37
N GLY A 222 30.42 31.20 -32.92
CA GLY A 222 30.62 30.27 -31.83
C GLY A 222 31.84 29.39 -32.04
N LEU A 223 32.39 28.89 -30.95
CA LEU A 223 33.55 28.00 -30.98
C LEU A 223 33.17 26.71 -31.69
N LEU A 224 34.18 25.95 -32.10
CA LEU A 224 33.95 24.66 -32.76
C LEU A 224 34.12 23.62 -31.69
N PRO A 225 33.41 22.51 -31.79
CA PRO A 225 33.54 21.46 -30.79
C PRO A 225 34.84 20.69 -31.01
N VAL A 226 35.96 21.41 -31.03
CA VAL A 226 37.27 20.82 -31.23
C VAL A 226 37.47 19.47 -30.55
N ARG A 227 37.27 19.44 -29.23
CA ARG A 227 37.47 18.22 -28.47
C ARG A 227 36.58 17.03 -28.84
N TRP A 228 35.54 17.28 -29.63
CA TRP A 228 34.65 16.18 -30.03
C TRP A 228 34.83 15.85 -31.49
N MET A 229 35.61 16.67 -32.18
CA MET A 229 35.83 16.51 -33.61
C MET A 229 36.89 15.50 -34.07
N SER A 230 36.55 14.76 -35.12
CA SER A 230 37.44 13.76 -35.70
C SER A 230 38.68 14.43 -36.31
N PRO A 231 39.67 13.62 -36.78
CA PRO A 231 40.86 14.23 -37.36
C PRO A 231 40.52 14.91 -38.66
N GLU A 232 39.80 14.20 -39.53
CA GLU A 232 39.43 14.72 -40.84
C GLU A 232 38.57 15.99 -40.73
N SER A 233 37.67 16.02 -39.75
CA SER A 233 36.80 17.18 -39.53
C SER A 233 37.65 18.39 -39.18
N LEU A 234 38.65 18.15 -38.35
CA LEU A 234 39.57 19.17 -37.91
C LEU A 234 40.50 19.61 -39.03
N LYS A 235 40.93 18.67 -39.84
CA LYS A 235 41.84 18.98 -40.91
C LYS A 235 41.19 19.59 -42.14
N ASP A 236 40.27 18.88 -42.78
CA ASP A 236 39.64 19.40 -44.00
C ASP A 236 38.22 19.95 -43.88
N GLY A 237 37.71 20.08 -42.67
CA GLY A 237 36.34 20.57 -42.51
C GLY A 237 35.35 19.55 -43.04
N VAL A 238 35.76 18.29 -43.03
CA VAL A 238 34.91 17.22 -43.52
C VAL A 238 34.00 16.69 -42.42
N PHE A 239 32.75 16.41 -42.78
CA PHE A 239 31.77 15.90 -41.84
C PHE A 239 30.97 14.79 -42.50
N THR A 240 31.10 13.60 -41.95
CA THR A 240 30.38 12.45 -42.49
C THR A 240 29.77 11.71 -41.32
N THR A 241 29.02 10.67 -41.61
CA THR A 241 28.41 9.87 -40.56
C THR A 241 29.57 9.32 -39.72
N TYR A 242 30.67 9.02 -40.42
CA TYR A 242 31.86 8.47 -39.80
C TYR A 242 32.45 9.40 -38.73
N SER A 243 32.33 10.71 -38.94
CA SER A 243 32.87 11.63 -37.96
C SER A 243 31.94 11.62 -36.75
N ASP A 244 30.64 11.49 -37.01
CA ASP A 244 29.67 11.46 -35.93
C ASP A 244 30.08 10.34 -34.99
N VAL A 245 30.49 9.22 -35.58
CA VAL A 245 30.94 8.06 -34.82
C VAL A 245 32.10 8.45 -33.94
N TRP A 246 33.11 9.08 -34.54
CA TRP A 246 34.27 9.52 -33.78
C TRP A 246 33.83 10.28 -32.52
N SER A 247 32.80 11.10 -32.68
CA SER A 247 32.28 11.88 -31.58
C SER A 247 31.54 11.00 -30.60
N PHE A 248 30.82 10.00 -31.10
CA PHE A 248 30.09 9.07 -30.23
C PHE A 248 31.14 8.59 -29.24
N GLY A 249 32.24 8.07 -29.78
CA GLY A 249 33.33 7.59 -28.95
C GLY A 249 33.61 8.55 -27.80
N VAL A 250 33.78 9.83 -28.11
CA VAL A 250 34.05 10.82 -27.07
C VAL A 250 32.90 10.83 -26.06
N VAL A 251 31.66 10.70 -26.55
CA VAL A 251 30.52 10.67 -25.64
C VAL A 251 30.69 9.50 -24.69
N LEU A 252 31.07 8.35 -25.22
CA LEU A 252 31.27 7.18 -24.38
C LEU A 252 32.32 7.46 -23.31
N TRP A 253 33.32 8.26 -23.65
CA TRP A 253 34.38 8.60 -22.72
C TRP A 253 33.73 9.46 -21.64
N GLU A 254 32.92 10.43 -22.07
CA GLU A 254 32.25 11.31 -21.14
C GLU A 254 31.49 10.47 -20.11
N ILE A 255 30.64 9.57 -20.58
CA ILE A 255 29.89 8.70 -19.69
C ILE A 255 30.84 8.05 -18.67
N ALA A 256 31.89 7.39 -19.20
CA ALA A 256 32.85 6.68 -18.36
C ALA A 256 33.65 7.55 -17.40
N THR A 257 33.63 8.86 -17.60
CA THR A 257 34.35 9.76 -16.70
C THR A 257 33.37 10.73 -16.04
N LEU A 258 32.08 10.52 -16.30
CA LEU A 258 31.02 11.38 -15.77
C LEU A 258 31.14 12.80 -16.32
N ALA A 259 31.16 12.90 -17.65
CA ALA A 259 31.23 14.17 -18.36
C ALA A 259 32.36 15.08 -17.94
N GLU A 260 33.56 14.53 -17.90
CA GLU A 260 34.76 15.27 -17.54
C GLU A 260 35.30 15.94 -18.81
N GLN A 261 36.20 16.91 -18.66
CA GLN A 261 36.70 17.60 -19.85
C GLN A 261 37.71 16.79 -20.64
N PRO A 262 37.38 16.49 -21.91
CA PRO A 262 38.26 15.72 -22.79
C PRO A 262 39.56 16.46 -23.03
N TYR A 263 40.69 15.76 -22.93
CA TYR A 263 42.00 16.33 -23.16
C TYR A 263 42.43 17.44 -22.20
N GLN A 264 42.15 17.27 -20.90
CA GLN A 264 42.55 18.26 -19.90
C GLN A 264 44.04 18.57 -19.96
N GLY A 265 44.36 19.85 -19.92
CA GLY A 265 45.75 20.27 -20.00
C GLY A 265 46.00 20.86 -21.38
N LEU A 266 45.47 20.21 -22.42
CA LEU A 266 45.64 20.69 -23.79
C LEU A 266 44.59 21.73 -24.15
N SER A 267 44.99 22.73 -24.94
CA SER A 267 44.07 23.77 -25.39
C SER A 267 43.43 23.23 -26.68
N ASN A 268 42.43 23.90 -27.24
CA ASN A 268 41.80 23.39 -28.47
C ASN A 268 42.86 23.19 -29.53
N GLU A 269 43.72 24.19 -29.68
CA GLU A 269 44.78 24.13 -30.66
C GLU A 269 45.60 22.88 -30.48
N GLN A 270 46.04 22.65 -29.25
CA GLN A 270 46.84 21.49 -28.96
C GLN A 270 46.09 20.22 -29.29
N VAL A 271 44.79 20.23 -29.00
CA VAL A 271 43.96 19.07 -29.28
C VAL A 271 43.97 18.91 -30.78
N LEU A 272 43.71 20.01 -31.49
CA LEU A 272 43.72 20.00 -32.95
C LEU A 272 44.92 19.21 -33.39
N ARG A 273 46.10 19.66 -32.99
CA ARG A 273 47.33 18.96 -33.36
C ARG A 273 47.32 17.53 -32.87
N PHE A 274 47.38 17.36 -31.54
CA PHE A 274 47.41 16.05 -30.91
C PHE A 274 46.58 15.00 -31.64
N VAL A 275 45.30 15.30 -31.85
CA VAL A 275 44.39 14.39 -32.54
C VAL A 275 44.70 14.13 -34.00
N MET A 276 45.16 15.14 -34.73
CA MET A 276 45.50 14.96 -36.14
C MET A 276 46.71 14.07 -36.31
N GLU A 277 47.47 13.87 -35.24
CA GLU A 277 48.66 13.03 -35.29
C GLU A 277 48.34 11.65 -34.75
N GLY A 278 47.06 11.36 -34.59
CA GLY A 278 46.70 10.05 -34.07
C GLY A 278 46.59 9.99 -32.56
N GLY A 279 46.66 11.15 -31.89
CA GLY A 279 46.53 11.16 -30.44
C GLY A 279 45.19 10.57 -30.04
N LEU A 280 45.06 10.16 -28.78
CA LEU A 280 43.83 9.56 -28.28
C LEU A 280 43.73 9.70 -26.77
N LEU A 281 42.50 9.78 -26.27
CA LEU A 281 42.26 9.90 -24.84
C LEU A 281 42.56 8.55 -24.19
N ASP A 282 43.05 8.58 -22.97
CA ASP A 282 43.38 7.35 -22.26
C ASP A 282 42.12 6.61 -21.82
N LYS A 283 42.34 5.46 -21.18
CA LYS A 283 41.25 4.65 -20.65
C LYS A 283 40.93 5.23 -19.28
N PRO A 284 39.69 5.72 -19.09
CA PRO A 284 39.28 6.29 -17.81
C PRO A 284 39.66 5.37 -16.65
N ASP A 285 39.60 5.88 -15.43
CA ASP A 285 39.90 5.05 -14.28
C ASP A 285 38.70 4.12 -14.09
N ASN A 286 38.97 2.83 -13.94
CA ASN A 286 37.90 1.86 -13.73
C ASN A 286 36.89 1.74 -14.87
N CYS A 287 37.36 1.94 -16.10
CA CYS A 287 36.47 1.82 -17.25
C CYS A 287 36.34 0.37 -17.68
N PRO A 288 35.09 -0.09 -17.90
CA PRO A 288 34.89 -1.48 -18.33
C PRO A 288 35.65 -1.77 -19.63
N ASP A 289 36.43 -2.84 -19.63
CA ASP A 289 37.22 -3.22 -20.80
C ASP A 289 36.33 -3.13 -22.03
N MET A 290 35.07 -3.52 -21.87
CA MET A 290 34.12 -3.48 -22.96
C MET A 290 33.99 -2.10 -23.55
N LEU A 291 33.58 -1.17 -22.70
CA LEU A 291 33.38 0.21 -23.09
C LEU A 291 34.59 0.84 -23.80
N PHE A 292 35.76 0.74 -23.18
CA PHE A 292 36.97 1.30 -23.79
C PHE A 292 37.23 0.70 -25.16
N GLU A 293 36.98 -0.60 -25.32
CA GLU A 293 37.18 -1.24 -26.62
C GLU A 293 36.34 -0.55 -27.68
N LEU A 294 35.10 -0.22 -27.31
CA LEU A 294 34.17 0.44 -28.21
C LEU A 294 34.68 1.84 -28.53
N MET A 295 35.32 2.48 -27.56
CA MET A 295 35.87 3.80 -27.81
C MET A 295 36.89 3.65 -28.92
N ARG A 296 38.00 3.01 -28.60
CA ARG A 296 39.08 2.77 -29.56
C ARG A 296 38.57 2.44 -30.97
N MET A 297 37.47 1.71 -31.05
CA MET A 297 36.92 1.34 -32.33
C MET A 297 36.42 2.53 -33.10
N CYS A 298 35.81 3.47 -32.36
CA CYS A 298 35.26 4.68 -32.96
C CYS A 298 36.35 5.68 -33.29
N TRP A 299 37.55 5.45 -32.77
CA TRP A 299 38.64 6.38 -33.02
C TRP A 299 39.69 5.91 -34.04
N GLN A 300 39.38 4.86 -34.82
CA GLN A 300 40.31 4.40 -35.84
C GLN A 300 40.57 5.64 -36.67
N TYR A 301 41.84 5.96 -36.89
CA TYR A 301 42.18 7.16 -37.67
C TYR A 301 41.45 7.18 -39.01
N ASN A 302 41.47 6.04 -39.71
CA ASN A 302 40.82 5.92 -41.02
C ASN A 302 39.29 5.87 -40.93
N PRO A 303 38.61 6.94 -41.35
CA PRO A 303 37.15 7.13 -41.35
C PRO A 303 36.39 5.96 -41.93
N LYS A 304 37.06 5.21 -42.80
CA LYS A 304 36.44 4.06 -43.43
C LYS A 304 36.58 2.79 -42.60
N MET A 305 37.50 2.79 -41.64
CA MET A 305 37.70 1.63 -40.78
C MET A 305 36.76 1.61 -39.54
N ARG A 306 36.24 2.78 -39.18
CA ARG A 306 35.34 2.91 -38.04
C ARG A 306 34.03 2.15 -38.27
N PRO A 307 33.41 1.67 -37.19
CA PRO A 307 32.14 0.95 -37.33
C PRO A 307 31.03 1.92 -37.67
N SER A 308 29.90 1.38 -38.10
CA SER A 308 28.74 2.22 -38.41
C SER A 308 27.87 2.18 -37.16
N PHE A 309 26.94 3.11 -37.04
CA PHE A 309 26.09 3.13 -35.87
C PHE A 309 25.31 1.83 -35.77
N LEU A 310 24.79 1.36 -36.91
CA LEU A 310 24.06 0.11 -36.93
C LEU A 310 25.00 -0.97 -36.40
N GLU A 311 26.22 -0.95 -36.88
CA GLU A 311 27.24 -1.91 -36.47
C GLU A 311 27.48 -1.82 -34.98
N ILE A 312 27.60 -0.61 -34.47
CA ILE A 312 27.82 -0.42 -33.04
C ILE A 312 26.67 -1.04 -32.25
N ILE A 313 25.43 -0.71 -32.62
CA ILE A 313 24.28 -1.28 -31.93
C ILE A 313 24.35 -2.81 -31.88
N SER A 314 24.57 -3.44 -33.03
CA SER A 314 24.67 -4.89 -33.12
C SER A 314 25.72 -5.49 -32.19
N SER A 315 26.86 -4.82 -32.04
CA SER A 315 27.90 -5.35 -31.17
C SER A 315 27.47 -5.33 -29.70
N ILE A 316 26.38 -4.62 -29.39
CA ILE A 316 25.92 -4.55 -28.01
C ILE A 316 24.46 -4.95 -27.79
N LYS A 317 23.74 -5.18 -28.89
CA LYS A 317 22.34 -5.55 -28.81
C LYS A 317 22.08 -6.66 -27.79
N GLU A 318 23.03 -7.58 -27.68
CA GLU A 318 22.92 -8.71 -26.75
C GLU A 318 23.04 -8.27 -25.28
N GLU A 319 23.33 -7.00 -25.03
CA GLU A 319 23.47 -6.53 -23.66
C GLU A 319 22.55 -5.37 -23.32
N MET A 320 21.71 -4.98 -24.26
CA MET A 320 20.78 -3.89 -24.03
C MET A 320 19.68 -4.40 -23.11
N GLU A 321 18.70 -3.54 -22.81
CA GLU A 321 17.59 -3.96 -21.95
C GLU A 321 16.46 -4.48 -22.84
N PRO A 322 15.85 -5.61 -22.47
CA PRO A 322 14.76 -6.20 -23.23
C PRO A 322 13.90 -5.24 -24.05
N GLY A 323 13.25 -4.29 -23.41
CA GLY A 323 12.41 -3.36 -24.13
C GLY A 323 12.99 -2.70 -25.37
N PHE A 324 14.30 -2.83 -25.59
CA PHE A 324 14.93 -2.20 -26.75
C PHE A 324 14.34 -2.76 -28.03
N ARG A 325 14.25 -4.08 -28.08
CA ARG A 325 13.72 -4.79 -29.25
C ARG A 325 12.44 -4.18 -29.80
N GLU A 326 11.64 -3.54 -28.96
CA GLU A 326 10.41 -2.91 -29.45
C GLU A 326 10.71 -1.50 -29.97
N VAL A 327 10.62 -0.52 -29.09
CA VAL A 327 10.86 0.90 -29.38
C VAL A 327 12.03 1.30 -30.28
N SER A 328 13.15 0.59 -30.21
CA SER A 328 14.33 0.97 -31.00
C SER A 328 14.14 0.98 -32.51
N PHE A 329 14.79 1.95 -33.16
CA PHE A 329 14.76 2.08 -34.61
C PHE A 329 15.42 0.84 -35.20
N TYR A 330 16.51 0.41 -34.57
CA TYR A 330 17.26 -0.75 -35.01
C TYR A 330 16.35 -1.93 -35.38
N TYR A 331 15.60 -2.45 -34.41
CA TYR A 331 14.73 -3.59 -34.69
C TYR A 331 13.47 -3.24 -35.45
N SER A 332 13.27 -1.94 -35.71
CA SER A 332 12.09 -1.44 -36.44
C SER A 332 11.98 -1.97 -37.86
N GLU A 333 10.79 -1.82 -38.45
CA GLU A 333 10.54 -2.28 -39.82
C GLU A 333 10.97 -1.22 -40.83
N GLU A 334 11.44 -0.07 -40.34
CA GLU A 334 11.89 1.01 -41.22
C GLU A 334 13.39 0.87 -41.47
N ASN A 335 13.89 -0.34 -41.22
CA ASN A 335 15.31 -0.68 -41.38
C ASN A 335 15.47 -2.20 -41.35
N LYS A 336 14.46 -2.89 -40.82
CA LYS A 336 14.45 -4.34 -40.71
C LYS A 336 14.86 -5.01 -42.03
N VAL B 36 10.37 -6.29 25.10
CA VAL B 36 11.22 -5.07 25.16
C VAL B 36 12.36 -5.15 24.17
N TYR B 37 12.69 -4.00 23.57
CA TYR B 37 13.76 -3.89 22.58
C TYR B 37 15.13 -3.88 23.22
N VAL B 38 16.12 -4.44 22.54
CA VAL B 38 17.49 -4.47 23.07
C VAL B 38 18.39 -3.65 22.16
N PRO B 39 18.93 -2.52 22.66
CA PRO B 39 19.81 -1.68 21.85
C PRO B 39 21.07 -2.44 21.46
N ASP B 40 21.50 -2.30 20.22
CA ASP B 40 22.69 -3.00 19.78
C ASP B 40 23.45 -2.25 18.70
N GLU B 41 24.16 -2.99 17.85
CA GLU B 41 24.95 -2.40 16.79
C GLU B 41 24.13 -1.51 15.84
N TRP B 42 22.80 -1.62 15.91
CA TRP B 42 21.95 -0.84 15.03
C TRP B 42 21.55 0.53 15.57
N GLU B 43 21.79 0.74 16.85
CA GLU B 43 21.46 2.02 17.45
C GLU B 43 22.41 3.07 16.86
N VAL B 44 21.87 4.25 16.57
CA VAL B 44 22.68 5.34 16.03
C VAL B 44 22.42 6.56 16.87
N ALA B 45 23.42 7.41 17.05
CA ALA B 45 23.23 8.60 17.85
C ALA B 45 22.27 9.53 17.14
N ARG B 46 21.29 10.04 17.88
CA ARG B 46 20.31 10.95 17.31
C ARG B 46 20.87 12.18 16.56
N GLU B 47 21.78 12.94 17.18
CA GLU B 47 22.34 14.13 16.53
C GLU B 47 22.73 13.88 15.10
N LYS B 48 23.13 12.66 14.81
CA LYS B 48 23.53 12.29 13.46
C LYS B 48 22.34 12.34 12.51
N ILE B 49 21.17 11.94 12.99
CA ILE B 49 19.97 11.97 12.17
C ILE B 49 19.50 13.42 12.08
N THR B 50 19.38 13.96 10.86
CA THR B 50 18.93 15.33 10.67
C THR B 50 17.79 15.29 9.65
N MET B 51 16.59 15.72 10.07
CA MET B 51 15.40 15.72 9.21
C MET B 51 15.33 16.92 8.27
N SER B 52 15.40 16.64 6.97
CA SER B 52 15.35 17.70 5.96
C SER B 52 13.95 18.20 5.64
N ARG B 53 12.96 17.31 5.69
CA ARG B 53 11.56 17.65 5.39
C ARG B 53 10.71 16.40 5.52
N GLU B 54 9.38 16.56 5.59
CA GLU B 54 8.54 15.38 5.74
C GLU B 54 8.07 14.80 4.41
N LEU B 55 7.89 13.49 4.41
CA LEU B 55 7.44 12.78 3.22
C LEU B 55 5.94 12.59 3.35
N GLY B 56 5.52 11.82 4.34
CA GLY B 56 4.09 11.62 4.49
C GLY B 56 3.68 11.09 5.83
N GLN B 57 2.40 11.17 6.14
CA GLN B 57 1.91 10.67 7.40
C GLN B 57 1.92 9.17 7.23
N GLY B 58 2.68 8.48 8.05
CA GLY B 58 2.75 7.04 7.91
C GLY B 58 1.92 6.31 8.93
N SER B 59 2.05 5.00 8.96
CA SER B 59 1.29 4.19 9.89
C SER B 59 1.45 4.68 11.33
N PHE B 60 2.66 4.60 11.88
CA PHE B 60 2.87 5.01 13.27
C PHE B 60 3.13 6.50 13.47
N GLY B 61 3.47 7.20 12.39
CA GLY B 61 3.72 8.63 12.52
C GLY B 61 4.35 9.25 11.29
N MET B 62 4.65 10.54 11.37
CA MET B 62 5.22 11.25 10.25
C MET B 62 6.52 10.63 9.78
N VAL B 63 6.67 10.49 8.47
CA VAL B 63 7.89 9.93 7.90
C VAL B 63 8.63 11.10 7.30
N TYR B 64 9.91 11.22 7.63
CA TYR B 64 10.70 12.33 7.11
C TYR B 64 11.69 11.84 6.07
N GLU B 65 12.45 12.78 5.53
CA GLU B 65 13.46 12.49 4.53
C GLU B 65 14.58 13.47 4.79
N GLY B 66 15.55 13.06 5.60
CA GLY B 66 16.65 13.94 5.91
C GLY B 66 17.96 13.23 5.66
N VAL B 67 18.95 13.50 6.51
CA VAL B 67 20.26 12.86 6.34
C VAL B 67 20.79 12.21 7.62
N ALA B 68 21.61 11.18 7.43
CA ALA B 68 22.20 10.45 8.54
C ALA B 68 23.69 10.35 8.26
N LYS B 69 24.48 10.26 9.32
CA LYS B 69 25.94 10.16 9.20
C LYS B 69 26.50 8.83 9.68
N GLY B 70 27.57 8.41 9.02
CA GLY B 70 28.23 7.16 9.37
C GLY B 70 27.36 5.92 9.41
N VAL B 71 26.41 5.81 8.50
CA VAL B 71 25.57 4.62 8.47
C VAL B 71 25.86 3.75 7.25
N VAL B 72 26.56 4.31 6.27
CA VAL B 72 26.94 3.57 5.07
C VAL B 72 28.46 3.64 4.94
N LYS B 73 29.08 2.48 4.80
CA LYS B 73 30.54 2.40 4.68
C LYS B 73 31.02 3.39 3.64
N ASP B 74 32.26 3.84 3.80
CA ASP B 74 32.89 4.80 2.88
C ASP B 74 31.92 5.86 2.40
N GLU B 75 31.04 6.30 3.28
CA GLU B 75 30.07 7.31 2.93
C GLU B 75 29.80 8.22 4.13
N PRO B 76 30.39 9.43 4.13
CA PRO B 76 30.21 10.38 5.24
C PRO B 76 28.75 10.48 5.63
N GLU B 77 27.94 10.90 4.68
CA GLU B 77 26.50 11.07 4.88
C GLU B 77 25.70 10.18 3.94
N THR B 78 24.40 10.08 4.22
CA THR B 78 23.51 9.28 3.40
C THR B 78 22.12 9.87 3.49
N ARG B 79 21.47 10.03 2.34
CA ARG B 79 20.13 10.58 2.31
C ARG B 79 19.20 9.44 2.70
N VAL B 80 18.58 9.55 3.86
CA VAL B 80 17.69 8.50 4.35
C VAL B 80 16.23 8.94 4.52
N ALA B 81 15.40 7.98 4.89
CA ALA B 81 13.99 8.22 5.16
C ALA B 81 13.91 7.96 6.64
N ILE B 82 13.31 8.89 7.38
CA ILE B 82 13.21 8.76 8.83
C ILE B 82 11.80 8.42 9.27
N LYS B 83 11.61 7.17 9.69
CA LYS B 83 10.30 6.70 10.14
C LYS B 83 10.17 6.95 11.64
N THR B 84 9.15 7.73 12.03
CA THR B 84 8.91 8.06 13.43
C THR B 84 7.58 7.55 13.99
N VAL B 85 7.47 7.54 15.32
CA VAL B 85 6.26 7.11 16.00
C VAL B 85 5.66 8.34 16.67
N ASN B 86 4.38 8.59 16.42
CA ASN B 86 3.70 9.73 17.02
C ASN B 86 3.98 9.76 18.50
N GLU B 87 4.62 10.83 18.97
CA GLU B 87 4.94 10.95 20.38
C GLU B 87 3.73 10.68 21.26
N ALA B 88 2.55 11.09 20.80
CA ALA B 88 1.33 10.87 21.57
C ALA B 88 0.83 9.44 21.34
N ALA B 89 1.73 8.48 21.48
CA ALA B 89 1.40 7.07 21.29
C ALA B 89 1.61 6.29 22.56
N SER B 90 1.06 5.08 22.60
CA SER B 90 1.20 4.23 23.77
C SER B 90 2.50 3.46 23.69
N MET B 91 2.81 2.72 24.75
CA MET B 91 4.02 1.90 24.81
C MET B 91 3.84 0.76 23.83
N ARG B 92 2.64 0.18 23.80
CA ARG B 92 2.36 -0.94 22.91
C ARG B 92 2.72 -0.61 21.47
N GLU B 93 2.16 0.48 20.96
CA GLU B 93 2.41 0.89 19.59
C GLU B 93 3.90 1.09 19.29
N ARG B 94 4.62 1.69 20.23
CA ARG B 94 6.05 1.93 20.07
C ARG B 94 6.85 0.63 20.10
N ILE B 95 6.52 -0.25 21.04
CA ILE B 95 7.20 -1.53 21.12
C ILE B 95 6.99 -2.25 19.79
N GLU B 96 5.76 -2.15 19.27
CA GLU B 96 5.37 -2.76 18.00
C GLU B 96 6.32 -2.31 16.90
N PHE B 97 6.45 -1.00 16.80
CA PHE B 97 7.30 -0.33 15.82
C PHE B 97 8.72 -0.89 15.87
N LEU B 98 9.30 -0.92 17.06
CA LEU B 98 10.66 -1.39 17.23
C LEU B 98 10.75 -2.86 16.87
N ASN B 99 9.69 -3.62 17.15
CA ASN B 99 9.70 -5.03 16.83
C ASN B 99 9.81 -5.29 15.32
N GLU B 100 9.20 -4.43 14.52
CA GLU B 100 9.27 -4.58 13.08
C GLU B 100 10.70 -4.30 12.63
N ALA B 101 11.28 -3.21 13.16
CA ALA B 101 12.63 -2.85 12.83
C ALA B 101 13.51 -4.05 13.18
N SER B 102 13.33 -4.59 14.37
CA SER B 102 14.11 -5.75 14.79
C SER B 102 14.15 -6.82 13.72
N VAL B 103 13.01 -7.10 13.09
CA VAL B 103 12.95 -8.10 12.03
C VAL B 103 13.86 -7.66 10.89
N MET B 104 13.68 -6.43 10.43
CA MET B 104 14.48 -5.91 9.33
C MET B 104 15.96 -6.15 9.52
N LYS B 105 16.40 -6.14 10.77
CA LYS B 105 17.80 -6.36 11.08
C LYS B 105 18.30 -7.63 10.42
N GLU B 106 17.41 -8.61 10.31
CA GLU B 106 17.71 -9.90 9.73
C GLU B 106 17.89 -9.94 8.21
N PHE B 107 17.33 -8.97 7.50
CA PHE B 107 17.42 -8.97 6.03
C PHE B 107 18.50 -8.07 5.44
N ASN B 108 19.14 -8.54 4.38
CA ASN B 108 20.15 -7.75 3.67
C ASN B 108 20.27 -8.19 2.20
N CYS B 109 19.33 -7.73 1.38
CA CYS B 109 19.26 -8.06 -0.05
C CYS B 109 18.95 -6.79 -0.85
N HIS B 110 19.34 -6.78 -2.12
CA HIS B 110 19.11 -5.62 -2.99
C HIS B 110 17.65 -5.28 -3.14
N HIS B 111 16.78 -6.28 -3.11
CA HIS B 111 15.37 -6.02 -3.28
C HIS B 111 14.54 -6.02 -2.01
N VAL B 112 15.10 -5.46 -0.95
CA VAL B 112 14.40 -5.38 0.32
C VAL B 112 14.87 -4.10 0.99
N VAL B 113 14.07 -3.05 0.93
CA VAL B 113 14.45 -1.78 1.55
C VAL B 113 15.33 -2.04 2.79
N ARG B 114 16.50 -1.40 2.79
CA ARG B 114 17.48 -1.60 3.86
C ARG B 114 17.30 -0.77 5.11
N LEU B 115 17.49 -1.43 6.25
CA LEU B 115 17.41 -0.78 7.55
C LEU B 115 18.80 -0.16 7.79
N LEU B 116 18.83 1.12 8.15
CA LEU B 116 20.11 1.79 8.37
C LEU B 116 20.45 2.10 9.82
N GLY B 117 19.47 2.08 10.71
CA GLY B 117 19.79 2.34 12.09
C GLY B 117 18.52 2.51 12.90
N VAL B 118 18.64 2.51 14.22
CA VAL B 118 17.47 2.68 15.06
C VAL B 118 17.77 3.59 16.24
N VAL B 119 16.79 4.40 16.60
CA VAL B 119 16.90 5.34 17.71
C VAL B 119 15.78 5.04 18.70
N SER B 120 16.13 4.40 19.83
CA SER B 120 15.15 4.05 20.85
C SER B 120 15.32 4.84 22.14
N GLN B 121 16.30 5.74 22.19
CA GLN B 121 16.60 6.52 23.39
C GLN B 121 15.91 7.87 23.60
N GLY B 122 14.59 7.86 23.74
CA GLY B 122 13.86 9.10 23.98
C GLY B 122 13.14 9.71 22.79
N GLN B 123 11.86 10.02 22.97
CA GLN B 123 10.99 10.61 21.93
C GLN B 123 11.74 11.52 20.96
N PRO B 124 11.49 11.34 19.65
CA PRO B 124 10.58 10.34 19.08
C PRO B 124 11.28 9.04 18.70
N THR B 125 10.75 7.90 19.14
CA THR B 125 11.35 6.62 18.77
C THR B 125 11.34 6.61 17.25
N LEU B 126 12.50 6.43 16.62
CA LEU B 126 12.48 6.44 15.18
C LEU B 126 13.42 5.43 14.54
N VAL B 127 13.15 5.11 13.28
CA VAL B 127 13.95 4.17 12.53
C VAL B 127 14.54 4.91 11.34
N ILE B 128 15.66 4.41 10.82
CA ILE B 128 16.35 5.01 9.69
C ILE B 128 16.49 3.97 8.58
N MET B 129 15.97 4.30 7.39
CA MET B 129 16.02 3.37 6.26
C MET B 129 16.41 4.02 4.92
N GLU B 130 16.76 3.14 3.98
CA GLU B 130 17.14 3.47 2.62
C GLU B 130 16.00 4.26 1.94
N LEU B 131 16.28 5.50 1.54
CA LEU B 131 15.24 6.30 0.90
C LEU B 131 14.74 5.76 -0.43
N MET B 132 13.42 5.70 -0.53
CA MET B 132 12.73 5.26 -1.73
C MET B 132 11.94 6.50 -2.17
N THR B 133 12.66 7.41 -2.84
CA THR B 133 12.13 8.67 -3.31
C THR B 133 10.74 8.61 -3.97
N ARG B 134 10.46 7.53 -4.71
CA ARG B 134 9.15 7.39 -5.41
C ARG B 134 7.99 6.86 -4.59
N GLY B 135 8.28 6.34 -3.40
CA GLY B 135 7.21 5.83 -2.52
C GLY B 135 6.74 4.39 -2.71
N ASP B 136 5.57 4.07 -2.14
CA ASP B 136 5.01 2.74 -2.25
C ASP B 136 4.54 2.47 -3.68
N LEU B 137 4.78 1.25 -4.14
CA LEU B 137 4.43 0.81 -5.47
C LEU B 137 2.97 1.11 -5.92
N LYS B 138 2.02 1.00 -5.00
CA LYS B 138 0.62 1.25 -5.32
C LYS B 138 0.42 2.72 -5.70
N SER B 139 0.77 3.61 -4.78
CA SER B 139 0.63 5.03 -5.04
C SER B 139 1.25 5.34 -6.39
N TYR B 140 2.35 4.66 -6.66
CA TYR B 140 3.09 4.81 -7.90
C TYR B 140 2.24 4.37 -9.10
N LEU B 141 1.88 3.10 -9.14
CA LEU B 141 1.08 2.58 -10.22
C LEU B 141 -0.11 3.49 -10.45
N ARG B 142 -0.62 4.08 -9.38
CA ARG B 142 -1.76 4.98 -9.47
C ARG B 142 -1.44 6.21 -10.31
N SER B 143 -0.35 6.89 -9.99
CA SER B 143 0.02 8.10 -10.71
C SER B 143 0.19 7.91 -12.23
N LEU B 144 0.42 6.68 -12.67
CA LEU B 144 0.59 6.43 -14.10
C LEU B 144 -0.75 6.33 -14.83
N ARG B 145 -1.81 6.85 -14.22
CA ARG B 145 -3.12 6.79 -14.83
C ARG B 145 -3.54 8.19 -15.28
N PRO B 146 -4.05 8.32 -16.52
CA PRO B 146 -4.50 9.58 -17.14
C PRO B 146 -5.34 10.49 -16.25
N GLU B 147 -6.44 9.96 -15.72
CA GLU B 147 -7.34 10.72 -14.86
C GLU B 147 -6.63 11.17 -13.58
N VAL B 153 3.12 12.57 -17.13
CA VAL B 153 4.54 12.76 -16.78
C VAL B 153 5.41 11.54 -17.14
N LEU B 154 4.97 10.36 -16.69
CA LEU B 154 5.65 9.10 -16.98
C LEU B 154 4.75 8.42 -17.99
N ALA B 155 4.40 7.17 -17.74
CA ALA B 155 3.54 6.43 -18.65
C ALA B 155 3.36 5.02 -18.15
N PRO B 156 2.25 4.38 -18.50
CA PRO B 156 2.00 3.01 -18.06
C PRO B 156 3.19 2.13 -18.41
N PRO B 157 3.57 1.22 -17.51
CA PRO B 157 4.69 0.29 -17.70
C PRO B 157 4.45 -0.65 -18.87
N SER B 158 5.53 -1.00 -19.54
CA SER B 158 5.46 -1.93 -20.68
C SER B 158 5.58 -3.37 -20.17
N LEU B 159 5.18 -4.31 -21.00
CA LEU B 159 5.23 -5.72 -20.61
C LEU B 159 6.60 -6.02 -20.03
N SER B 160 7.61 -5.32 -20.54
CA SER B 160 8.96 -5.53 -20.04
C SER B 160 9.23 -4.89 -18.69
N LYS B 161 8.84 -3.63 -18.53
CA LYS B 161 9.05 -2.93 -17.28
C LYS B 161 8.29 -3.65 -16.15
N MET B 162 7.26 -4.42 -16.54
CA MET B 162 6.44 -5.18 -15.60
C MET B 162 7.10 -6.50 -15.24
N ILE B 163 7.63 -7.20 -16.24
CA ILE B 163 8.30 -8.47 -15.98
C ILE B 163 9.40 -8.12 -14.99
N GLN B 164 10.01 -6.96 -15.21
CA GLN B 164 11.10 -6.48 -14.37
C GLN B 164 10.63 -6.19 -12.93
N MET B 165 9.46 -5.60 -12.77
CA MET B 165 8.95 -5.31 -11.44
C MET B 165 8.65 -6.64 -10.75
N ALA B 166 8.02 -7.53 -11.50
CA ALA B 166 7.66 -8.85 -10.98
C ALA B 166 8.90 -9.63 -10.58
N GLY B 167 9.91 -9.61 -11.42
CA GLY B 167 11.12 -10.35 -11.12
C GLY B 167 11.81 -9.83 -9.88
N GLU B 168 11.79 -8.52 -9.69
CA GLU B 168 12.44 -7.93 -8.53
C GLU B 168 11.70 -8.31 -7.25
N ILE B 169 10.39 -8.12 -7.25
CA ILE B 169 9.58 -8.47 -6.09
C ILE B 169 9.75 -9.96 -5.80
N ALA B 170 9.74 -10.78 -6.84
CA ALA B 170 9.91 -12.20 -6.66
C ALA B 170 11.24 -12.47 -5.97
N ASP B 171 12.30 -11.86 -6.48
CA ASP B 171 13.62 -12.07 -5.91
C ASP B 171 13.56 -11.78 -4.42
N GLY B 172 13.17 -10.56 -4.09
CA GLY B 172 13.08 -10.15 -2.69
C GLY B 172 12.35 -11.19 -1.85
N MET B 173 11.16 -11.60 -2.30
CA MET B 173 10.38 -12.59 -1.58
C MET B 173 11.11 -13.94 -1.53
N ALA B 174 11.78 -14.29 -2.62
CA ALA B 174 12.53 -15.53 -2.67
C ALA B 174 13.65 -15.50 -1.62
N TYR B 175 14.09 -14.30 -1.27
CA TYR B 175 15.14 -14.15 -0.28
C TYR B 175 14.59 -14.32 1.14
N LEU B 176 13.45 -13.69 1.44
CA LEU B 176 12.85 -13.82 2.77
C LEU B 176 12.55 -15.28 3.09
N ASN B 177 11.97 -15.98 2.11
CA ASN B 177 11.63 -17.37 2.30
C ASN B 177 12.90 -18.22 2.41
N ALA B 178 13.97 -17.76 1.76
CA ALA B 178 15.24 -18.48 1.81
C ALA B 178 15.78 -18.42 3.22
N ASN B 179 15.37 -17.40 3.96
CA ASN B 179 15.81 -17.25 5.35
C ASN B 179 14.71 -17.60 6.33
N LYS B 180 13.85 -18.53 5.93
CA LYS B 180 12.74 -19.00 6.76
C LYS B 180 11.78 -17.93 7.32
N PHE B 181 11.49 -16.92 6.49
CA PHE B 181 10.55 -15.85 6.86
C PHE B 181 9.34 -15.84 5.93
N VAL B 182 8.16 -15.69 6.51
CA VAL B 182 6.96 -15.65 5.70
C VAL B 182 6.47 -14.19 5.83
N HIS B 183 6.18 -13.53 4.71
CA HIS B 183 5.78 -12.12 4.76
C HIS B 183 4.36 -11.87 5.25
N ARG B 184 3.44 -12.74 4.87
CA ARG B 184 2.04 -12.66 5.30
C ARG B 184 1.25 -11.43 4.89
N ASP B 185 1.85 -10.50 4.16
CA ASP B 185 1.09 -9.31 3.77
C ASP B 185 1.63 -8.65 2.50
N LEU B 186 2.03 -9.45 1.52
CA LEU B 186 2.57 -8.90 0.30
C LEU B 186 1.47 -8.20 -0.49
N ALA B 187 1.77 -6.97 -0.91
CA ALA B 187 0.84 -6.16 -1.68
C ALA B 187 1.57 -4.91 -2.16
N ALA B 188 1.23 -4.43 -3.34
CA ALA B 188 1.89 -3.27 -3.91
C ALA B 188 2.10 -2.15 -2.89
N ARG B 189 1.13 -1.99 -1.99
CA ARG B 189 1.24 -0.93 -0.98
C ARG B 189 2.40 -1.15 0.00
N ASN B 190 2.86 -2.40 0.12
CA ASN B 190 3.98 -2.68 1.01
C ASN B 190 5.30 -2.83 0.27
N CYS B 191 5.31 -2.42 -0.99
CA CYS B 191 6.52 -2.46 -1.81
C CYS B 191 6.85 -1.00 -2.10
N MET B 192 8.08 -0.71 -2.51
CA MET B 192 8.44 0.67 -2.77
C MET B 192 9.30 0.84 -4.00
N VAL B 193 9.18 1.98 -4.65
CA VAL B 193 9.96 2.25 -5.84
C VAL B 193 10.99 3.35 -5.60
N ALA B 194 12.25 3.03 -5.87
CA ALA B 194 13.32 4.01 -5.68
C ALA B 194 13.44 4.94 -6.89
N GLU B 195 14.30 5.94 -6.79
CA GLU B 195 14.48 6.91 -7.86
C GLU B 195 14.86 6.27 -9.21
N ASP B 196 15.66 5.21 -9.16
CA ASP B 196 16.08 4.55 -10.39
C ASP B 196 15.03 3.59 -10.85
N PHE B 197 13.89 3.62 -10.18
CA PHE B 197 12.76 2.75 -10.52
C PHE B 197 12.83 1.33 -10.01
N THR B 198 13.87 0.98 -9.26
CA THR B 198 13.92 -0.38 -8.73
C THR B 198 12.77 -0.55 -7.74
N VAL B 199 12.29 -1.78 -7.57
CA VAL B 199 11.19 -2.08 -6.64
C VAL B 199 11.75 -2.99 -5.55
N LYS B 200 11.29 -2.83 -4.30
CA LYS B 200 11.80 -3.64 -3.20
C LYS B 200 10.74 -3.78 -2.12
N ILE B 201 10.78 -4.87 -1.35
CA ILE B 201 9.81 -5.06 -0.28
C ILE B 201 10.03 -3.98 0.78
N GLY B 202 9.01 -3.18 1.02
CA GLY B 202 9.16 -2.09 1.97
C GLY B 202 8.63 -2.26 3.38
N ASP B 203 7.43 -2.83 3.51
CA ASP B 203 6.85 -3.00 4.81
C ASP B 203 6.92 -4.45 5.29
N PHE B 204 7.01 -4.64 6.59
CA PHE B 204 7.09 -5.98 7.21
C PHE B 204 6.23 -6.11 8.47
N GLY B 205 5.23 -5.26 8.58
CA GLY B 205 4.35 -5.27 9.74
C GLY B 205 3.73 -6.60 10.13
N MET B 206 3.86 -7.62 9.28
CA MET B 206 3.28 -8.93 9.60
C MET B 206 4.27 -10.06 9.32
N THR B 207 5.44 -9.69 8.86
CA THR B 207 6.46 -10.67 8.56
C THR B 207 6.88 -11.37 9.83
N ARG B 208 7.18 -12.66 9.73
CA ARG B 208 7.61 -13.44 10.87
C ARG B 208 8.24 -14.75 10.43
N ASP B 209 8.82 -15.45 11.40
CA ASP B 209 9.46 -16.73 11.16
C ASP B 209 8.41 -17.77 10.78
N ILE B 210 8.70 -18.62 9.80
CA ILE B 210 7.75 -19.66 9.37
C ILE B 210 7.27 -20.52 10.54
N TYR B 211 8.17 -20.80 11.47
CA TYR B 211 7.84 -21.60 12.63
C TYR B 211 7.37 -20.71 13.78
N GLU B 212 6.10 -20.30 13.73
CA GLU B 212 5.56 -19.44 14.76
C GLU B 212 4.06 -19.34 14.63
N THR B 213 3.41 -18.98 15.74
CA THR B 213 1.96 -18.86 15.80
C THR B 213 1.47 -17.42 15.93
N ASP B 214 0.14 -17.24 15.87
CA ASP B 214 -0.48 -15.92 15.99
C ASP B 214 -1.50 -15.93 17.11
N TYR B 215 -1.78 -17.12 17.65
CA TYR B 215 -2.73 -17.31 18.75
C TYR B 215 -2.44 -16.31 19.86
N TYR B 216 -1.54 -16.67 20.77
CA TYR B 216 -1.17 -15.81 21.90
C TYR B 216 -0.41 -14.60 21.35
N ARG B 217 -1.14 -13.60 20.88
CA ARG B 217 -0.50 -12.39 20.34
C ARG B 217 -1.34 -11.13 20.52
N LYS B 218 -2.49 -11.07 19.85
CA LYS B 218 -3.37 -9.91 19.96
C LYS B 218 -2.66 -8.64 19.51
N GLY B 219 -1.38 -8.78 19.13
CA GLY B 219 -0.59 -7.63 18.70
C GLY B 219 -1.20 -6.84 17.56
N GLY B 220 -0.79 -5.58 17.43
CA GLY B 220 -1.33 -4.72 16.37
C GLY B 220 -2.80 -4.44 16.59
N LYS B 221 -3.49 -3.93 15.57
CA LYS B 221 -4.91 -3.65 15.69
C LYS B 221 -5.56 -3.15 14.40
N GLY B 222 -5.05 -3.61 13.25
CA GLY B 222 -5.60 -3.18 11.96
C GLY B 222 -6.67 -4.07 11.34
N LEU B 223 -6.48 -4.36 10.06
CA LEU B 223 -7.41 -5.20 9.32
C LEU B 223 -6.64 -6.24 8.54
N LEU B 224 -7.23 -7.42 8.38
CA LEU B 224 -6.59 -8.48 7.63
C LEU B 224 -6.64 -8.19 6.14
N PRO B 225 -5.51 -8.35 5.44
CA PRO B 225 -5.50 -8.09 4.00
C PRO B 225 -6.29 -9.20 3.27
N VAL B 226 -7.60 -9.22 3.50
CA VAL B 226 -8.46 -10.23 2.94
C VAL B 226 -8.30 -10.39 1.45
N ARG B 227 -8.33 -9.27 0.73
CA ARG B 227 -8.20 -9.30 -0.72
C ARG B 227 -6.83 -9.76 -1.24
N TRP B 228 -5.91 -10.10 -0.34
CA TRP B 228 -4.58 -10.56 -0.75
C TRP B 228 -4.24 -11.93 -0.20
N MET B 229 -5.10 -12.44 0.67
CA MET B 229 -4.86 -13.74 1.28
C MET B 229 -5.34 -14.95 0.49
N SER B 230 -4.59 -16.04 0.62
CA SER B 230 -4.89 -17.30 -0.03
C SER B 230 -6.01 -18.03 0.71
N PRO B 231 -6.74 -18.92 0.02
CA PRO B 231 -7.84 -19.68 0.64
C PRO B 231 -7.47 -20.28 2.00
N GLU B 232 -6.34 -20.99 2.06
CA GLU B 232 -5.94 -21.61 3.32
C GLU B 232 -5.77 -20.55 4.38
N SER B 233 -5.09 -19.46 4.03
CA SER B 233 -4.86 -18.38 4.97
C SER B 233 -6.17 -17.86 5.52
N LEU B 234 -7.19 -17.82 4.67
CA LEU B 234 -8.50 -17.34 5.07
C LEU B 234 -9.22 -18.40 5.89
N LYS B 235 -9.28 -19.61 5.36
CA LYS B 235 -9.94 -20.72 6.03
C LYS B 235 -9.31 -21.06 7.38
N ASP B 236 -8.08 -21.57 7.40
CA ASP B 236 -7.44 -21.93 8.66
C ASP B 236 -6.45 -20.91 9.20
N GLY B 237 -6.36 -19.74 8.57
CA GLY B 237 -5.39 -18.77 9.04
C GLY B 237 -3.98 -19.32 8.96
N VAL B 238 -3.70 -20.10 7.91
CA VAL B 238 -2.37 -20.68 7.73
C VAL B 238 -1.54 -19.89 6.75
N PHE B 239 -0.39 -19.42 7.18
CA PHE B 239 0.45 -18.65 6.27
C PHE B 239 1.78 -19.36 6.07
N THR B 240 2.13 -19.58 4.82
CA THR B 240 3.39 -20.22 4.46
C THR B 240 3.92 -19.54 3.21
N THR B 241 5.14 -19.86 2.80
CA THR B 241 5.71 -19.25 1.61
C THR B 241 4.75 -19.40 0.42
N TYR B 242 4.04 -20.54 0.37
CA TYR B 242 3.12 -20.80 -0.72
C TYR B 242 1.99 -19.77 -0.76
N SER B 243 1.46 -19.41 0.40
CA SER B 243 0.40 -18.39 0.43
C SER B 243 0.97 -17.02 0.05
N ASP B 244 2.28 -16.83 0.21
CA ASP B 244 2.91 -15.55 -0.15
C ASP B 244 2.88 -15.47 -1.67
N VAL B 245 3.05 -16.63 -2.31
CA VAL B 245 3.01 -16.68 -3.77
C VAL B 245 1.60 -16.32 -4.25
N TRP B 246 0.58 -16.67 -3.47
CA TRP B 246 -0.78 -16.31 -3.86
C TRP B 246 -0.80 -14.80 -3.85
N SER B 247 -0.41 -14.24 -2.72
CA SER B 247 -0.38 -12.80 -2.58
C SER B 247 0.37 -12.19 -3.75
N PHE B 248 1.60 -12.65 -4.02
CA PHE B 248 2.40 -12.12 -5.13
C PHE B 248 1.55 -12.06 -6.40
N GLY B 249 0.76 -13.11 -6.62
CA GLY B 249 -0.09 -13.15 -7.79
C GLY B 249 -1.06 -11.98 -7.84
N VAL B 250 -1.46 -11.48 -6.66
CA VAL B 250 -2.38 -10.37 -6.59
C VAL B 250 -1.60 -9.08 -6.88
N VAL B 251 -0.33 -9.08 -6.52
CA VAL B 251 0.50 -7.91 -6.77
C VAL B 251 0.66 -7.76 -8.28
N LEU B 252 0.85 -8.87 -9.01
CA LEU B 252 0.99 -8.78 -10.47
C LEU B 252 -0.30 -8.18 -11.04
N TRP B 253 -1.45 -8.57 -10.46
CA TRP B 253 -2.76 -8.09 -10.90
C TRP B 253 -2.84 -6.57 -10.74
N GLU B 254 -2.25 -6.08 -9.66
CA GLU B 254 -2.26 -4.65 -9.38
C GLU B 254 -1.40 -3.92 -10.39
N ILE B 255 -0.30 -4.53 -10.78
CA ILE B 255 0.59 -3.93 -11.74
C ILE B 255 -0.15 -3.84 -13.08
N ALA B 256 -0.85 -4.92 -13.42
CA ALA B 256 -1.60 -5.02 -14.67
C ALA B 256 -2.86 -4.20 -14.72
N THR B 257 -3.28 -3.66 -13.59
CA THR B 257 -4.49 -2.85 -13.56
C THR B 257 -4.16 -1.48 -13.00
N LEU B 258 -2.87 -1.22 -12.83
CA LEU B 258 -2.39 0.04 -12.26
C LEU B 258 -3.11 0.28 -10.94
N ALA B 259 -2.95 -0.69 -10.03
CA ALA B 259 -3.54 -0.68 -8.69
C ALA B 259 -5.00 -0.33 -8.70
N GLU B 260 -5.82 -1.37 -8.67
CA GLU B 260 -7.27 -1.24 -8.65
C GLU B 260 -7.70 -2.23 -7.58
N GLN B 261 -8.73 -1.91 -6.82
CA GLN B 261 -9.17 -2.81 -5.76
C GLN B 261 -9.52 -4.21 -6.21
N PRO B 262 -8.79 -5.23 -5.72
CA PRO B 262 -9.15 -6.57 -6.15
C PRO B 262 -10.58 -6.90 -5.63
N TYR B 263 -11.31 -7.72 -6.39
CA TYR B 263 -12.66 -8.12 -6.01
C TYR B 263 -13.57 -6.90 -5.83
N GLN B 264 -13.24 -5.86 -6.57
CA GLN B 264 -14.00 -4.61 -6.60
C GLN B 264 -15.48 -4.98 -6.56
N GLY B 265 -16.26 -4.30 -5.74
CA GLY B 265 -17.67 -4.63 -5.65
C GLY B 265 -17.99 -5.50 -4.43
N LEU B 266 -17.11 -6.46 -4.16
CA LEU B 266 -17.30 -7.34 -3.02
C LEU B 266 -16.71 -6.77 -1.72
N SER B 267 -17.34 -7.10 -0.60
CA SER B 267 -16.86 -6.64 0.70
C SER B 267 -15.90 -7.69 1.26
N ASN B 268 -14.97 -7.26 2.11
CA ASN B 268 -14.01 -8.18 2.70
C ASN B 268 -14.61 -9.56 2.98
N GLU B 269 -15.85 -9.58 3.46
CA GLU B 269 -16.47 -10.86 3.78
C GLU B 269 -16.92 -11.70 2.57
N GLN B 270 -17.38 -11.04 1.51
CA GLN B 270 -17.80 -11.78 0.31
C GLN B 270 -16.54 -12.32 -0.34
N VAL B 271 -15.50 -11.52 -0.35
CA VAL B 271 -14.23 -11.94 -0.90
C VAL B 271 -13.82 -13.19 -0.11
N LEU B 272 -13.95 -13.10 1.21
CA LEU B 272 -13.61 -14.18 2.10
C LEU B 272 -14.23 -15.48 1.61
N ARG B 273 -15.53 -15.47 1.38
CA ARG B 273 -16.22 -16.66 0.90
C ARG B 273 -15.92 -16.97 -0.57
N PHE B 274 -15.89 -15.94 -1.40
CA PHE B 274 -15.62 -16.10 -2.84
C PHE B 274 -14.30 -16.84 -3.11
N VAL B 275 -13.18 -16.26 -2.70
CA VAL B 275 -11.90 -16.90 -2.94
C VAL B 275 -11.79 -18.26 -2.28
N MET B 276 -12.50 -18.48 -1.18
CA MET B 276 -12.44 -19.78 -0.51
C MET B 276 -13.15 -20.85 -1.32
N GLU B 277 -14.17 -20.43 -2.07
CA GLU B 277 -14.92 -21.36 -2.90
C GLU B 277 -14.54 -21.31 -4.38
N GLY B 278 -13.24 -21.18 -4.65
CA GLY B 278 -12.76 -21.15 -6.01
C GLY B 278 -12.83 -19.84 -6.77
N GLY B 279 -13.11 -18.75 -6.06
CA GLY B 279 -13.20 -17.46 -6.70
C GLY B 279 -11.82 -17.10 -7.22
N LEU B 280 -11.79 -16.24 -8.25
CA LEU B 280 -10.56 -15.80 -8.90
C LEU B 280 -10.70 -14.44 -9.57
N LEU B 281 -9.66 -13.63 -9.52
CA LEU B 281 -9.72 -12.33 -10.16
C LEU B 281 -9.67 -12.63 -11.64
N ASP B 282 -10.52 -11.98 -12.41
CA ASP B 282 -10.52 -12.21 -13.84
C ASP B 282 -9.32 -11.51 -14.47
N LYS B 283 -8.92 -11.98 -15.65
CA LYS B 283 -7.81 -11.40 -16.38
C LYS B 283 -8.14 -9.93 -16.66
N PRO B 284 -7.16 -9.03 -16.51
CA PRO B 284 -7.39 -7.61 -16.75
C PRO B 284 -7.48 -7.28 -18.24
N ASP B 285 -8.10 -6.14 -18.56
CA ASP B 285 -8.28 -5.68 -19.93
C ASP B 285 -6.93 -5.31 -20.52
N ASN B 286 -6.69 -5.74 -21.76
CA ASN B 286 -5.43 -5.41 -22.43
C ASN B 286 -4.27 -6.03 -21.69
N CYS B 287 -4.55 -6.95 -20.78
CA CYS B 287 -3.50 -7.59 -20.01
C CYS B 287 -2.71 -8.61 -20.81
N PRO B 288 -1.38 -8.51 -20.76
CA PRO B 288 -0.48 -9.43 -21.48
C PRO B 288 -0.70 -10.89 -21.07
N ASP B 289 -0.82 -11.77 -22.06
CA ASP B 289 -1.04 -13.19 -21.82
C ASP B 289 0.02 -13.75 -20.89
N MET B 290 1.28 -13.58 -21.27
CA MET B 290 2.39 -14.08 -20.49
C MET B 290 2.35 -13.70 -18.99
N LEU B 291 1.63 -12.63 -18.67
CA LEU B 291 1.51 -12.15 -17.30
C LEU B 291 0.43 -12.88 -16.53
N PHE B 292 -0.76 -12.93 -17.13
CA PHE B 292 -1.91 -13.58 -16.53
C PHE B 292 -1.61 -15.06 -16.30
N GLU B 293 -0.83 -15.64 -17.19
CA GLU B 293 -0.44 -17.03 -17.08
C GLU B 293 0.29 -17.17 -15.75
N LEU B 294 1.13 -16.19 -15.43
CA LEU B 294 1.89 -16.21 -14.18
C LEU B 294 0.93 -16.08 -13.01
N MET B 295 -0.08 -15.24 -13.16
CA MET B 295 -1.07 -15.07 -12.09
C MET B 295 -1.77 -16.40 -11.80
N ARG B 296 -2.56 -16.87 -12.76
CA ARG B 296 -3.30 -18.12 -12.63
C ARG B 296 -2.48 -19.23 -11.96
N MET B 297 -1.17 -19.18 -12.13
CA MET B 297 -0.29 -20.18 -11.52
C MET B 297 -0.22 -20.01 -10.01
N CYS B 298 -0.14 -18.77 -9.56
CA CYS B 298 -0.05 -18.46 -8.13
C CYS B 298 -1.41 -18.62 -7.44
N TRP B 299 -2.48 -18.51 -8.22
CA TRP B 299 -3.81 -18.63 -7.64
C TRP B 299 -4.34 -20.06 -7.67
N GLN B 300 -3.45 -21.03 -7.86
CA GLN B 300 -3.86 -22.44 -7.85
C GLN B 300 -4.44 -22.66 -6.44
N TYR B 301 -5.51 -23.43 -6.32
CA TYR B 301 -6.10 -23.66 -5.01
C TYR B 301 -5.22 -24.47 -4.03
N ASN B 302 -4.60 -25.55 -4.50
CA ASN B 302 -3.76 -26.35 -3.62
C ASN B 302 -2.34 -25.79 -3.53
N PRO B 303 -1.96 -25.29 -2.35
CA PRO B 303 -0.64 -24.70 -2.10
C PRO B 303 0.54 -25.48 -2.72
N LYS B 304 0.46 -26.80 -2.71
CA LYS B 304 1.53 -27.64 -3.25
C LYS B 304 1.61 -27.54 -4.78
N MET B 305 0.55 -27.05 -5.40
CA MET B 305 0.46 -26.91 -6.85
C MET B 305 0.98 -25.57 -7.35
N ARG B 306 1.29 -24.68 -6.41
CA ARG B 306 1.77 -23.33 -6.69
C ARG B 306 3.28 -23.30 -6.86
N PRO B 307 3.78 -22.39 -7.72
CA PRO B 307 5.22 -22.27 -7.96
C PRO B 307 5.89 -21.51 -6.83
N SER B 308 7.14 -21.88 -6.54
CA SER B 308 7.89 -21.22 -5.49
C SER B 308 8.30 -19.88 -6.04
N PHE B 309 8.99 -19.06 -5.26
CA PHE B 309 9.40 -17.79 -5.82
C PHE B 309 10.51 -18.08 -6.82
N LEU B 310 11.47 -18.90 -6.41
CA LEU B 310 12.58 -19.26 -7.28
C LEU B 310 12.08 -19.80 -8.61
N GLU B 311 11.00 -20.57 -8.58
CA GLU B 311 10.44 -21.08 -9.83
C GLU B 311 9.97 -19.94 -10.71
N ILE B 312 9.28 -18.98 -10.11
CA ILE B 312 8.80 -17.84 -10.85
C ILE B 312 9.93 -17.19 -11.62
N ILE B 313 10.91 -16.66 -10.89
CA ILE B 313 12.06 -15.98 -11.51
C ILE B 313 12.59 -16.77 -12.68
N SER B 314 12.96 -18.02 -12.42
CA SER B 314 13.47 -18.90 -13.46
C SER B 314 12.61 -18.97 -14.71
N SER B 315 11.34 -18.59 -14.59
CA SER B 315 10.47 -18.65 -15.76
C SER B 315 10.49 -17.35 -16.55
N ILE B 316 11.00 -16.30 -15.92
CA ILE B 316 11.07 -14.98 -16.57
C ILE B 316 12.48 -14.41 -16.58
N LYS B 317 13.41 -15.10 -15.95
CA LYS B 317 14.79 -14.64 -15.85
C LYS B 317 15.38 -14.10 -17.16
N GLU B 318 14.88 -14.60 -18.27
CA GLU B 318 15.35 -14.18 -19.58
C GLU B 318 14.94 -12.76 -19.90
N GLU B 319 13.69 -12.44 -19.56
CA GLU B 319 13.11 -11.11 -19.81
C GLU B 319 13.61 -10.02 -18.85
N MET B 320 14.29 -10.43 -17.78
CA MET B 320 14.81 -9.46 -16.83
C MET B 320 15.83 -8.59 -17.55
N GLU B 321 16.16 -7.46 -16.94
CA GLU B 321 17.13 -6.57 -17.53
C GLU B 321 18.53 -7.06 -17.14
N PRO B 322 19.49 -6.96 -18.06
CA PRO B 322 20.87 -7.39 -17.83
C PRO B 322 21.43 -7.21 -16.43
N GLY B 323 21.22 -6.05 -15.82
CA GLY B 323 21.77 -5.84 -14.50
C GLY B 323 21.33 -6.81 -13.42
N PHE B 324 20.17 -7.42 -13.63
CA PHE B 324 19.58 -8.37 -12.67
C PHE B 324 20.55 -9.42 -12.11
N ARG B 325 21.32 -10.03 -13.00
CA ARG B 325 22.27 -11.06 -12.61
C ARG B 325 23.32 -10.58 -11.61
N GLU B 326 23.64 -9.29 -11.63
CA GLU B 326 24.66 -8.77 -10.73
C GLU B 326 24.19 -8.42 -9.34
N VAL B 327 22.91 -8.08 -9.19
CA VAL B 327 22.37 -7.72 -7.87
C VAL B 327 21.38 -8.67 -7.23
N SER B 328 20.74 -9.50 -8.05
CA SER B 328 19.73 -10.42 -7.55
C SER B 328 20.23 -11.44 -6.52
N PHE B 329 19.28 -12.03 -5.82
CA PHE B 329 19.57 -13.05 -4.83
C PHE B 329 19.58 -14.36 -5.58
N TYR B 330 18.79 -14.40 -6.65
CA TYR B 330 18.66 -15.56 -7.49
C TYR B 330 20.04 -16.00 -7.97
N TYR B 331 20.93 -15.03 -8.20
CA TYR B 331 22.29 -15.33 -8.67
C TYR B 331 23.36 -15.24 -7.56
N SER B 332 23.04 -14.59 -6.47
CA SER B 332 24.01 -14.48 -5.38
C SER B 332 24.60 -15.83 -4.98
N GLU B 333 25.76 -15.82 -4.33
CA GLU B 333 26.41 -17.05 -3.87
C GLU B 333 25.75 -17.50 -2.58
N GLU B 334 24.61 -16.88 -2.27
CA GLU B 334 23.86 -17.19 -1.07
C GLU B 334 22.68 -18.10 -1.41
N ASN B 335 22.49 -18.39 -2.69
CA ASN B 335 21.38 -19.23 -3.10
C ASN B 335 21.82 -20.64 -3.50
N TYR C 37 16.95 -26.68 39.93
CA TYR C 37 16.98 -28.10 39.53
C TYR C 37 17.09 -29.03 40.74
N VAL C 38 16.18 -28.85 41.69
CA VAL C 38 16.15 -29.65 42.90
C VAL C 38 15.19 -30.84 42.74
N PRO C 39 15.74 -32.06 42.56
CA PRO C 39 15.00 -33.32 42.39
C PRO C 39 13.86 -33.60 43.39
N ASP C 40 13.16 -34.71 43.18
CA ASP C 40 12.06 -35.10 44.08
C ASP C 40 11.42 -36.46 43.74
N GLU C 41 10.17 -36.65 44.16
CA GLU C 41 9.44 -37.90 43.94
C GLU C 41 9.23 -38.18 42.46
N TRP C 42 9.42 -37.17 41.62
CA TRP C 42 9.22 -37.33 40.19
C TRP C 42 10.48 -37.45 39.34
N GLU C 43 11.62 -36.99 39.86
CA GLU C 43 12.85 -37.08 39.09
C GLU C 43 13.11 -38.55 38.74
N VAL C 44 13.52 -38.81 37.49
CA VAL C 44 13.80 -40.16 37.06
C VAL C 44 15.16 -40.21 36.38
N ALA C 45 15.74 -41.41 36.35
CA ALA C 45 17.05 -41.63 35.73
C ALA C 45 16.91 -41.56 34.21
N ARG C 46 17.59 -40.62 33.57
CA ARG C 46 17.53 -40.49 32.13
C ARG C 46 18.21 -41.67 31.45
N GLU C 47 18.35 -42.76 32.21
CA GLU C 47 18.97 -43.97 31.71
C GLU C 47 17.81 -44.94 31.46
N LYS C 48 16.76 -44.80 32.26
CA LYS C 48 15.57 -45.63 32.13
C LYS C 48 14.67 -45.07 31.01
N ILE C 49 15.09 -43.95 30.43
CA ILE C 49 14.34 -43.29 29.35
C ILE C 49 15.17 -43.37 28.04
N THR C 50 14.57 -43.92 26.99
CA THR C 50 15.28 -44.06 25.72
C THR C 50 14.46 -43.49 24.55
N MET C 51 14.96 -42.41 23.96
CA MET C 51 14.29 -41.73 22.85
C MET C 51 14.22 -42.54 21.54
N SER C 52 13.04 -43.14 21.29
CA SER C 52 12.81 -43.96 20.09
C SER C 52 12.91 -43.22 18.76
N ARG C 53 12.16 -42.13 18.59
CA ARG C 53 12.20 -41.34 17.35
C ARG C 53 11.54 -39.97 17.53
N GLU C 54 11.88 -39.03 16.66
CA GLU C 54 11.32 -37.68 16.74
C GLU C 54 9.81 -37.70 16.59
N LEU C 55 9.17 -36.61 17.02
CA LEU C 55 7.72 -36.48 16.93
C LEU C 55 7.28 -35.14 16.39
N GLY C 56 7.98 -34.08 16.77
CA GLY C 56 7.65 -32.74 16.31
C GLY C 56 8.26 -31.65 17.18
N GLN C 57 8.44 -30.46 16.62
CA GLN C 57 9.01 -29.35 17.35
C GLN C 57 7.97 -28.62 18.21
N GLY C 58 8.00 -28.89 19.51
CA GLY C 58 7.06 -28.27 20.42
C GLY C 58 7.46 -26.86 20.85
N SER C 59 6.81 -26.34 21.88
CA SER C 59 7.09 -24.99 22.37
C SER C 59 8.54 -24.80 22.81
N PHE C 60 8.89 -25.39 23.96
CA PHE C 60 10.23 -25.26 24.51
C PHE C 60 11.33 -25.98 23.74
N GLY C 61 10.96 -26.99 22.97
CA GLY C 61 11.94 -27.72 22.20
C GLY C 61 11.41 -29.00 21.60
N MET C 62 12.26 -29.68 20.84
CA MET C 62 11.87 -30.92 20.18
C MET C 62 11.25 -31.95 21.11
N VAL C 63 10.09 -32.45 20.72
CA VAL C 63 9.35 -33.46 21.47
C VAL C 63 9.78 -34.80 20.90
N TYR C 64 9.72 -35.84 21.73
CA TYR C 64 10.13 -37.16 21.28
C TYR C 64 9.19 -38.28 21.71
N GLU C 65 9.32 -39.39 21.00
CA GLU C 65 8.57 -40.60 21.25
C GLU C 65 9.64 -41.63 21.65
N GLY C 66 9.38 -42.38 22.71
CA GLY C 66 10.32 -43.38 23.15
C GLY C 66 9.76 -44.31 24.20
N VAL C 67 10.66 -44.89 25.00
CA VAL C 67 10.27 -45.82 26.05
C VAL C 67 10.90 -45.43 27.38
N ALA C 68 10.15 -45.61 28.46
CA ALA C 68 10.62 -45.27 29.79
C ALA C 68 10.45 -46.51 30.64
N LYS C 69 11.51 -46.93 31.33
CA LYS C 69 11.44 -48.14 32.15
C LYS C 69 11.21 -47.83 33.63
N GLY C 70 10.04 -48.22 34.13
CA GLY C 70 9.72 -48.01 35.54
C GLY C 70 8.76 -46.86 35.82
N VAL C 71 8.40 -46.12 34.78
CA VAL C 71 7.49 -44.99 34.93
C VAL C 71 6.11 -45.38 35.46
N VAL C 72 5.71 -46.62 35.23
CA VAL C 72 4.43 -47.11 35.71
C VAL C 72 4.54 -48.52 36.25
N LYS C 73 4.01 -48.69 37.47
CA LYS C 73 4.03 -49.97 38.14
C LYS C 73 3.41 -51.05 37.24
N ASP C 74 3.70 -52.31 37.58
CA ASP C 74 3.17 -53.45 36.84
C ASP C 74 3.48 -53.34 35.35
N GLU C 75 4.42 -52.47 35.02
CA GLU C 75 4.81 -52.27 33.63
C GLU C 75 6.32 -52.07 33.49
N PRO C 76 7.00 -53.02 32.85
CA PRO C 76 8.45 -52.91 32.65
C PRO C 76 8.72 -51.78 31.68
N GLU C 77 8.31 -52.00 30.43
CA GLU C 77 8.48 -51.01 29.38
C GLU C 77 7.19 -50.22 29.23
N THR C 78 7.34 -48.92 28.97
CA THR C 78 6.20 -48.04 28.79
C THR C 78 6.48 -47.03 27.69
N ARG C 79 5.50 -46.86 26.80
CA ARG C 79 5.63 -45.91 25.72
C ARG C 79 5.29 -44.51 26.27
N VAL C 80 6.24 -43.59 26.15
CA VAL C 80 6.04 -42.22 26.64
C VAL C 80 6.55 -41.19 25.63
N ALA C 81 6.12 -39.95 25.79
CA ALA C 81 6.56 -38.86 24.93
C ALA C 81 7.59 -38.07 25.73
N ILE C 82 8.69 -37.71 25.08
CA ILE C 82 9.75 -36.98 25.77
C ILE C 82 9.81 -35.50 25.42
N LYS C 83 9.16 -34.68 26.21
CA LYS C 83 9.19 -33.25 25.98
C LYS C 83 10.55 -32.77 26.47
N THR C 84 11.37 -32.21 25.56
CA THR C 84 12.71 -31.74 25.92
C THR C 84 12.89 -30.25 25.68
N VAL C 85 13.77 -29.65 26.47
CA VAL C 85 14.07 -28.23 26.36
C VAL C 85 15.28 -28.03 25.45
N ASN C 86 15.23 -27.00 24.63
CA ASN C 86 16.34 -26.70 23.72
C ASN C 86 17.63 -26.56 24.52
N GLU C 87 18.70 -27.20 24.04
CA GLU C 87 19.98 -27.13 24.72
C GLU C 87 20.42 -25.70 25.03
N ALA C 88 20.58 -24.89 23.98
CA ALA C 88 21.02 -23.49 24.14
C ALA C 88 19.92 -22.58 24.68
N ALA C 89 19.18 -23.06 25.67
CA ALA C 89 18.10 -22.26 26.26
C ALA C 89 18.61 -21.59 27.54
N SER C 90 17.92 -20.54 27.98
CA SER C 90 18.29 -19.80 29.19
C SER C 90 17.77 -20.54 30.40
N MET C 91 18.35 -20.27 31.56
CA MET C 91 17.91 -20.95 32.79
C MET C 91 16.47 -20.60 33.11
N ARG C 92 16.13 -19.32 33.05
CA ARG C 92 14.77 -18.88 33.33
C ARG C 92 13.79 -19.74 32.54
N GLU C 93 14.21 -20.13 31.33
CA GLU C 93 13.42 -20.97 30.45
C GLU C 93 13.22 -22.35 31.03
N ARG C 94 14.32 -23.07 31.21
CA ARG C 94 14.24 -24.41 31.77
C ARG C 94 13.36 -24.42 33.00
N ILE C 95 13.53 -23.42 33.86
CA ILE C 95 12.73 -23.31 35.08
C ILE C 95 11.24 -23.18 34.77
N GLU C 96 10.89 -22.42 33.72
CA GLU C 96 9.49 -22.25 33.36
C GLU C 96 8.93 -23.59 32.92
N PHE C 97 9.78 -24.33 32.21
CA PHE C 97 9.43 -25.64 31.68
C PHE C 97 9.14 -26.62 32.81
N LEU C 98 9.87 -26.48 33.91
CA LEU C 98 9.69 -27.37 35.03
C LEU C 98 8.52 -26.92 35.91
N ASN C 99 8.31 -25.61 36.01
CA ASN C 99 7.19 -25.10 36.82
C ASN C 99 5.89 -25.37 36.09
N GLU C 100 5.93 -25.21 34.77
CA GLU C 100 4.76 -25.46 33.92
C GLU C 100 4.39 -26.92 34.12
N ALA C 101 5.42 -27.77 34.24
CA ALA C 101 5.24 -29.21 34.42
C ALA C 101 4.77 -29.58 35.81
N SER C 102 5.17 -28.78 36.81
CA SER C 102 4.78 -29.04 38.18
C SER C 102 3.27 -29.08 38.35
N VAL C 103 2.56 -28.36 37.50
CA VAL C 103 1.09 -28.32 37.58
C VAL C 103 0.53 -29.72 37.37
N MET C 104 1.05 -30.40 36.37
CA MET C 104 0.60 -31.74 36.03
C MET C 104 0.70 -32.77 37.15
N LYS C 105 1.68 -32.64 38.04
CA LYS C 105 1.82 -33.59 39.14
C LYS C 105 0.53 -33.69 39.95
N GLU C 106 -0.11 -32.53 40.15
CA GLU C 106 -1.34 -32.47 40.94
C GLU C 106 -2.52 -33.20 40.31
N PHE C 107 -2.41 -33.52 39.03
CA PHE C 107 -3.51 -34.19 38.33
C PHE C 107 -3.34 -35.68 38.18
N ASN C 108 -4.45 -36.35 37.86
CA ASN C 108 -4.49 -37.78 37.65
C ASN C 108 -5.90 -38.09 37.15
N CYS C 109 -6.02 -38.26 35.84
CA CYS C 109 -7.32 -38.52 35.24
C CYS C 109 -7.18 -39.19 33.90
N HIS C 110 -8.15 -40.01 33.54
CA HIS C 110 -8.13 -40.73 32.27
C HIS C 110 -8.23 -39.76 31.09
N HIS C 111 -8.93 -38.64 31.28
CA HIS C 111 -9.10 -37.66 30.21
C HIS C 111 -8.19 -36.44 30.29
N VAL C 112 -7.03 -36.63 30.91
CA VAL C 112 -6.02 -35.59 31.05
C VAL C 112 -4.73 -36.35 30.83
N VAL C 113 -3.84 -35.81 30.00
CA VAL C 113 -2.58 -36.49 29.73
C VAL C 113 -1.71 -36.54 30.99
N ARG C 114 -1.49 -37.77 31.48
CA ARG C 114 -0.70 -38.00 32.69
C ARG C 114 0.79 -37.70 32.55
N LEU C 115 1.35 -37.20 33.65
CA LEU C 115 2.77 -36.87 33.75
C LEU C 115 3.40 -38.15 34.30
N LEU C 116 4.50 -38.61 33.71
CA LEU C 116 5.13 -39.83 34.17
C LEU C 116 6.59 -39.64 34.56
N GLY C 117 6.91 -38.51 35.16
CA GLY C 117 8.27 -38.26 35.56
C GLY C 117 8.98 -37.19 34.76
N VAL C 118 10.13 -36.76 35.27
CA VAL C 118 10.92 -35.73 34.62
C VAL C 118 12.41 -35.96 34.91
N VAL C 119 13.26 -35.32 34.13
CA VAL C 119 14.70 -35.44 34.30
C VAL C 119 15.32 -34.05 34.16
N SER C 120 16.16 -33.67 35.11
CA SER C 120 16.77 -32.34 35.06
C SER C 120 18.25 -32.28 35.42
N GLN C 121 19.05 -33.22 34.93
CA GLN C 121 20.47 -33.20 35.27
C GLN C 121 21.40 -33.28 34.05
N GLY C 122 22.28 -32.29 33.94
CA GLY C 122 23.23 -32.25 32.85
C GLY C 122 22.65 -32.17 31.44
N GLN C 123 22.41 -33.33 30.84
CA GLN C 123 21.86 -33.42 29.49
C GLN C 123 20.58 -32.60 29.34
N PRO C 124 19.92 -32.66 28.17
CA PRO C 124 18.68 -31.88 27.94
C PRO C 124 17.57 -32.15 28.96
N THR C 125 17.09 -31.07 29.57
CA THR C 125 16.01 -31.17 30.55
C THR C 125 14.80 -31.67 29.78
N LEU C 126 14.20 -32.77 30.24
CA LEU C 126 13.04 -33.33 29.56
C LEU C 126 11.98 -33.84 30.52
N VAL C 127 10.75 -33.94 30.00
CA VAL C 127 9.64 -34.43 30.80
C VAL C 127 9.07 -35.64 30.11
N ILE C 128 8.65 -36.63 30.90
CA ILE C 128 8.08 -37.88 30.40
C ILE C 128 6.56 -37.82 30.49
N MET C 129 5.86 -38.17 29.41
CA MET C 129 4.40 -38.15 29.43
C MET C 129 3.75 -39.30 28.68
N GLU C 130 2.52 -39.61 29.06
CA GLU C 130 1.73 -40.66 28.43
C GLU C 130 1.71 -40.41 26.92
N LEU C 131 2.03 -41.43 26.11
CA LEU C 131 2.06 -41.20 24.66
C LEU C 131 0.74 -41.20 23.89
N MET C 132 0.45 -40.06 23.28
CA MET C 132 -0.74 -39.89 22.46
C MET C 132 -0.21 -39.83 21.03
N THR C 133 -0.10 -40.98 20.39
CA THR C 133 0.42 -41.07 19.03
C THR C 133 -0.32 -40.30 17.93
N ARG C 134 -1.61 -40.06 18.09
CA ARG C 134 -2.35 -39.36 17.05
C ARG C 134 -2.17 -37.84 17.03
N GLY C 135 -1.39 -37.31 17.96
CA GLY C 135 -1.15 -35.87 17.99
C GLY C 135 -2.22 -35.02 18.63
N ASP C 136 -2.26 -33.75 18.23
CA ASP C 136 -3.24 -32.81 18.77
C ASP C 136 -4.56 -32.81 18.01
N LEU C 137 -5.65 -32.59 18.75
CA LEU C 137 -6.97 -32.58 18.18
C LEU C 137 -7.08 -31.68 16.96
N LYS C 138 -6.48 -30.50 17.01
CA LYS C 138 -6.53 -29.57 15.88
C LYS C 138 -6.04 -30.25 14.61
N SER C 139 -4.79 -30.73 14.65
CA SER C 139 -4.19 -31.41 13.52
C SER C 139 -4.97 -32.65 13.12
N TYR C 140 -5.37 -33.46 14.10
CA TYR C 140 -6.14 -34.66 13.80
C TYR C 140 -7.38 -34.28 13.02
N LEU C 141 -8.15 -33.34 13.56
CA LEU C 141 -9.39 -32.91 12.91
C LEU C 141 -9.21 -32.59 11.44
N ARG C 142 -8.35 -31.62 11.13
CA ARG C 142 -8.12 -31.25 9.74
C ARG C 142 -7.76 -32.43 8.85
N SER C 143 -7.06 -33.40 9.41
CA SER C 143 -6.66 -34.60 8.67
C SER C 143 -7.89 -35.38 8.21
N LEU C 144 -8.97 -35.29 8.98
CA LEU C 144 -10.20 -35.98 8.62
C LEU C 144 -10.93 -35.34 7.45
N ARG C 145 -10.49 -34.14 7.06
CA ARG C 145 -11.10 -33.42 5.95
C ARG C 145 -11.05 -34.16 4.63
N PRO C 146 -12.06 -33.95 3.76
CA PRO C 146 -12.19 -34.59 2.45
C PRO C 146 -11.11 -34.21 1.43
N GLU C 147 -10.08 -33.48 1.89
CA GLU C 147 -8.98 -33.04 1.03
C GLU C 147 -7.64 -33.63 1.48
N VAL C 153 -9.73 -40.28 2.95
CA VAL C 153 -10.58 -40.36 4.14
C VAL C 153 -12.01 -40.75 3.75
N LEU C 154 -12.43 -41.94 4.17
CA LEU C 154 -13.77 -42.43 3.84
C LEU C 154 -14.87 -41.43 4.23
N ALA C 155 -14.74 -40.85 5.42
CA ALA C 155 -15.71 -39.88 5.91
C ALA C 155 -15.29 -39.17 7.20
N PRO C 156 -15.83 -37.96 7.41
CA PRO C 156 -15.55 -37.12 8.59
C PRO C 156 -16.30 -37.68 9.79
N PRO C 157 -15.94 -37.23 11.00
CA PRO C 157 -16.60 -37.70 12.22
C PRO C 157 -18.11 -37.60 12.22
N SER C 158 -18.76 -38.66 12.71
CA SER C 158 -20.21 -38.72 12.80
C SER C 158 -20.66 -37.99 14.06
N LEU C 159 -21.84 -37.40 14.01
CA LEU C 159 -22.42 -36.66 15.14
C LEU C 159 -22.13 -37.37 16.46
N SER C 160 -22.17 -38.70 16.41
CA SER C 160 -21.93 -39.50 17.60
C SER C 160 -20.46 -39.41 18.01
N LYS C 161 -19.57 -39.64 17.04
CA LYS C 161 -18.13 -39.58 17.28
C LYS C 161 -17.72 -38.23 17.88
N MET C 162 -18.40 -37.17 17.44
CA MET C 162 -18.14 -35.83 17.92
C MET C 162 -18.65 -35.72 19.37
N ILE C 163 -19.84 -36.23 19.63
CA ILE C 163 -20.41 -36.20 20.97
C ILE C 163 -19.38 -36.80 21.91
N GLN C 164 -18.75 -37.87 21.45
CA GLN C 164 -17.73 -38.58 22.21
C GLN C 164 -16.57 -37.66 22.59
N MET C 165 -15.93 -37.02 21.60
CA MET C 165 -14.82 -36.11 21.88
C MET C 165 -15.31 -34.99 22.78
N ALA C 166 -16.49 -34.47 22.51
CA ALA C 166 -17.01 -33.41 23.33
C ALA C 166 -16.99 -33.86 24.79
N GLY C 167 -17.68 -34.95 25.06
CA GLY C 167 -17.76 -35.50 26.41
C GLY C 167 -16.45 -35.87 27.08
N GLU C 168 -15.51 -36.45 26.35
CA GLU C 168 -14.25 -36.84 26.95
C GLU C 168 -13.55 -35.60 27.50
N ILE C 169 -13.55 -34.53 26.70
CA ILE C 169 -12.92 -33.26 27.07
C ILE C 169 -13.67 -32.58 28.23
N ALA C 170 -14.99 -32.63 28.19
CA ALA C 170 -15.79 -32.03 29.24
C ALA C 170 -15.44 -32.69 30.57
N ASP C 171 -15.15 -33.99 30.51
CA ASP C 171 -14.81 -34.75 31.70
C ASP C 171 -13.45 -34.30 32.20
N GLY C 172 -12.48 -34.24 31.29
CA GLY C 172 -11.14 -33.81 31.65
C GLY C 172 -11.20 -32.46 32.35
N MET C 173 -12.02 -31.56 31.82
CA MET C 173 -12.20 -30.22 32.38
C MET C 173 -12.97 -30.23 33.71
N ALA C 174 -13.95 -31.11 33.83
CA ALA C 174 -14.69 -31.20 35.09
C ALA C 174 -13.68 -31.58 36.18
N TYR C 175 -12.75 -32.45 35.83
CA TYR C 175 -11.72 -32.88 36.76
C TYR C 175 -10.88 -31.69 37.18
N LEU C 176 -10.36 -30.95 36.20
CA LEU C 176 -9.54 -29.78 36.51
C LEU C 176 -10.24 -28.82 37.45
N ASN C 177 -11.43 -28.34 37.10
CA ASN C 177 -12.10 -27.41 37.99
C ASN C 177 -12.46 -28.05 39.33
N ALA C 178 -12.73 -29.34 39.30
CA ALA C 178 -13.06 -30.06 40.53
C ALA C 178 -11.90 -29.83 41.49
N ASN C 179 -10.72 -30.28 41.07
CA ASN C 179 -9.50 -30.11 41.86
C ASN C 179 -9.07 -28.64 41.89
N LYS C 180 -10.06 -27.75 41.76
CA LYS C 180 -9.86 -26.30 41.76
C LYS C 180 -8.73 -25.77 40.87
N PHE C 181 -9.01 -25.68 39.57
CA PHE C 181 -8.08 -25.21 38.56
C PHE C 181 -8.84 -24.59 37.38
N VAL C 182 -8.24 -23.59 36.76
CA VAL C 182 -8.85 -22.94 35.62
C VAL C 182 -7.78 -23.10 34.52
N HIS C 183 -8.21 -23.55 33.34
CA HIS C 183 -7.30 -23.79 32.23
C HIS C 183 -6.94 -22.52 31.45
N ARG C 184 -7.93 -21.64 31.26
CA ARG C 184 -7.70 -20.36 30.57
C ARG C 184 -7.17 -20.48 29.14
N ASP C 185 -7.02 -21.68 28.63
CA ASP C 185 -6.47 -21.79 27.29
C ASP C 185 -6.99 -23.03 26.59
N LEU C 186 -8.30 -23.22 26.62
CA LEU C 186 -8.88 -24.40 25.99
C LEU C 186 -9.00 -24.24 24.49
N ALA C 187 -8.62 -25.27 23.75
CA ALA C 187 -8.68 -25.25 22.30
C ALA C 187 -8.18 -26.59 21.76
N ALA C 188 -8.70 -27.00 20.62
CA ALA C 188 -8.33 -28.26 20.00
C ALA C 188 -6.82 -28.47 19.92
N ARG C 189 -6.06 -27.38 19.79
CA ARG C 189 -4.61 -27.46 19.70
C ARG C 189 -3.99 -27.89 21.02
N ASN C 190 -4.75 -27.79 22.10
CA ASN C 190 -4.24 -28.20 23.40
C ASN C 190 -4.88 -29.50 23.89
N CYS C 191 -5.49 -30.25 22.98
CA CYS C 191 -6.10 -31.55 23.32
C CYS C 191 -5.33 -32.62 22.58
N MET C 192 -5.26 -33.81 23.15
CA MET C 192 -4.53 -34.88 22.49
C MET C 192 -5.44 -36.04 22.09
N VAL C 193 -5.07 -36.74 21.02
CA VAL C 193 -5.84 -37.88 20.55
C VAL C 193 -5.02 -39.15 20.74
N ALA C 194 -5.51 -40.05 21.60
CA ALA C 194 -4.84 -41.31 21.90
C ALA C 194 -4.99 -42.35 20.79
N GLU C 195 -4.19 -43.41 20.84
CA GLU C 195 -4.27 -44.46 19.82
C GLU C 195 -5.72 -44.95 19.67
N ASP C 196 -6.40 -45.22 20.79
CA ASP C 196 -7.78 -45.68 20.71
C ASP C 196 -8.75 -44.55 20.43
N PHE C 197 -8.21 -43.43 19.97
CA PHE C 197 -8.99 -42.23 19.64
C PHE C 197 -9.63 -41.49 20.82
N THR C 198 -9.18 -41.79 22.04
CA THR C 198 -9.73 -41.10 23.21
C THR C 198 -9.14 -39.68 23.22
N VAL C 199 -9.97 -38.69 23.53
CA VAL C 199 -9.49 -37.30 23.56
C VAL C 199 -9.20 -36.86 24.99
N LYS C 200 -8.03 -36.28 25.22
CA LYS C 200 -7.66 -35.85 26.55
C LYS C 200 -7.09 -34.46 26.51
N ILE C 201 -7.08 -33.80 27.66
CA ILE C 201 -6.49 -32.46 27.73
C ILE C 201 -5.00 -32.71 27.91
N GLY C 202 -4.18 -32.05 27.09
CA GLY C 202 -2.76 -32.25 27.17
C GLY C 202 -1.87 -31.04 27.30
N ASP C 203 -2.45 -29.87 27.52
CA ASP C 203 -1.61 -28.69 27.68
C ASP C 203 -2.09 -27.82 28.82
N PHE C 204 -1.16 -27.37 29.65
CA PHE C 204 -1.48 -26.54 30.81
C PHE C 204 -0.46 -25.42 31.01
N GLY C 205 0.01 -24.84 29.91
CA GLY C 205 0.95 -23.75 30.01
C GLY C 205 0.38 -22.58 30.78
N MET C 206 -0.90 -22.28 30.54
CA MET C 206 -1.58 -21.17 31.20
C MET C 206 -2.50 -21.61 32.31
N THR C 207 -2.25 -22.80 32.86
CA THR C 207 -3.10 -23.28 33.94
C THR C 207 -2.69 -22.63 35.25
N ARG C 208 -3.69 -22.13 35.98
CA ARG C 208 -3.48 -21.48 37.25
C ARG C 208 -4.54 -22.01 38.20
N ASP C 209 -4.19 -22.18 39.47
CA ASP C 209 -5.16 -22.69 40.44
C ASP C 209 -5.96 -21.58 41.12
N ILE C 210 -7.13 -21.94 41.61
CA ILE C 210 -8.02 -20.99 42.24
C ILE C 210 -8.61 -21.54 43.54
N TYR C 211 -7.74 -22.09 44.40
CA TYR C 211 -8.16 -22.66 45.70
C TYR C 211 -8.77 -21.54 46.53
N GLU C 212 -8.27 -20.34 46.33
CA GLU C 212 -8.74 -19.17 47.05
C GLU C 212 -10.17 -18.87 46.61
N THR C 213 -10.30 -18.03 45.59
CA THR C 213 -11.57 -17.63 45.05
C THR C 213 -11.99 -18.53 43.88
N ASP C 214 -13.01 -18.12 43.14
CA ASP C 214 -13.48 -18.91 42.01
C ASP C 214 -13.01 -18.31 40.67
N TYR C 215 -12.11 -17.34 40.74
CA TYR C 215 -11.61 -16.70 39.53
C TYR C 215 -10.11 -16.49 39.55
N TYR C 216 -9.60 -15.83 38.52
CA TYR C 216 -8.18 -15.53 38.36
C TYR C 216 -8.07 -14.26 37.52
N ARG C 217 -7.14 -13.38 37.89
CA ARG C 217 -6.95 -12.12 37.17
C ARG C 217 -5.49 -11.92 36.74
N LYS C 218 -5.20 -12.16 35.46
CA LYS C 218 -3.85 -11.99 34.95
C LYS C 218 -3.56 -10.52 34.75
N LYS C 221 -1.00 -15.61 33.44
CA LYS C 221 -0.21 -14.40 33.28
C LYS C 221 0.33 -14.29 31.85
N GLY C 222 0.13 -13.12 31.22
CA GLY C 222 0.59 -12.88 29.87
C GLY C 222 -0.17 -13.68 28.84
N LEU C 223 0.17 -13.50 27.55
CA LEU C 223 -0.47 -14.22 26.44
C LEU C 223 -1.99 -14.10 26.44
N LEU C 224 -2.59 -14.08 25.26
CA LEU C 224 -4.03 -13.97 25.16
C LEU C 224 -4.59 -14.49 23.86
N PRO C 225 -5.19 -15.69 23.89
CA PRO C 225 -5.80 -16.32 22.72
C PRO C 225 -7.22 -15.76 22.46
N VAL C 226 -7.26 -14.53 21.96
CA VAL C 226 -8.49 -13.80 21.67
C VAL C 226 -9.65 -14.59 21.07
N ARG C 227 -9.33 -15.51 20.18
CA ARG C 227 -10.36 -16.30 19.49
C ARG C 227 -11.05 -17.37 20.35
N TRP C 228 -10.46 -17.70 21.49
CA TRP C 228 -11.06 -18.68 22.39
C TRP C 228 -11.46 -18.01 23.71
N MET C 229 -11.23 -16.72 23.80
CA MET C 229 -11.55 -16.00 25.03
C MET C 229 -12.99 -15.49 25.15
N SER C 230 -13.53 -15.61 26.36
CA SER C 230 -14.90 -15.18 26.63
C SER C 230 -14.98 -13.66 26.74
N PRO C 231 -16.19 -13.10 26.68
CA PRO C 231 -16.31 -11.65 26.77
C PRO C 231 -15.65 -11.07 28.02
N GLU C 232 -16.03 -11.57 29.19
CA GLU C 232 -15.48 -11.06 30.44
C GLU C 232 -13.98 -11.21 30.55
N SER C 233 -13.41 -12.20 29.86
CA SER C 233 -11.98 -12.40 29.91
C SER C 233 -11.33 -11.38 28.99
N LEU C 234 -12.00 -11.05 27.89
CA LEU C 234 -11.46 -10.07 26.96
C LEU C 234 -11.49 -8.67 27.56
N LYS C 235 -12.49 -8.43 28.40
CA LYS C 235 -12.69 -7.12 29.03
C LYS C 235 -11.94 -6.95 30.33
N ASP C 236 -12.45 -7.61 31.37
CA ASP C 236 -11.88 -7.50 32.70
C ASP C 236 -10.64 -8.36 32.94
N GLY C 237 -10.23 -9.14 31.94
CA GLY C 237 -9.05 -9.97 32.12
C GLY C 237 -9.18 -11.01 33.22
N VAL C 238 -10.40 -11.48 33.49
CA VAL C 238 -10.62 -12.49 34.54
C VAL C 238 -10.96 -13.88 33.98
N PHE C 239 -10.64 -14.92 34.75
CA PHE C 239 -10.94 -16.28 34.31
C PHE C 239 -11.64 -17.06 35.41
N THR C 240 -12.74 -17.69 35.02
CA THR C 240 -13.56 -18.48 35.93
C THR C 240 -13.65 -19.84 35.27
N THR C 241 -14.47 -20.73 35.82
CA THR C 241 -14.61 -22.04 35.20
C THR C 241 -15.57 -21.85 34.03
N TYR C 242 -16.40 -20.82 34.14
CA TYR C 242 -17.39 -20.50 33.11
C TYR C 242 -16.71 -19.96 31.86
N SER C 243 -15.54 -19.34 32.05
CA SER C 243 -14.76 -18.78 30.95
C SER C 243 -14.15 -19.95 30.23
N ASP C 244 -13.97 -21.04 30.96
CA ASP C 244 -13.40 -22.25 30.39
C ASP C 244 -14.46 -22.98 29.60
N VAL C 245 -15.72 -22.78 29.97
CA VAL C 245 -16.82 -23.43 29.26
C VAL C 245 -17.04 -22.71 27.93
N TRP C 246 -16.72 -21.41 27.89
CA TRP C 246 -16.88 -20.66 26.66
C TRP C 246 -15.87 -21.22 25.68
N SER C 247 -14.59 -21.10 26.00
CA SER C 247 -13.58 -21.63 25.11
C SER C 247 -14.08 -22.98 24.61
N PHE C 248 -14.59 -23.80 25.53
CA PHE C 248 -15.09 -25.11 25.16
C PHE C 248 -16.07 -25.03 23.99
N GLY C 249 -17.06 -24.16 24.12
CA GLY C 249 -18.05 -23.96 23.06
C GLY C 249 -17.34 -23.68 21.76
N VAL C 250 -16.29 -22.86 21.85
CA VAL C 250 -15.50 -22.55 20.69
C VAL C 250 -14.89 -23.85 20.20
N VAL C 251 -14.44 -24.69 21.12
CA VAL C 251 -13.84 -25.97 20.74
C VAL C 251 -14.83 -26.88 20.00
N LEU C 252 -16.09 -26.87 20.41
CA LEU C 252 -17.04 -27.71 19.70
C LEU C 252 -17.20 -27.16 18.29
N TRP C 253 -16.95 -25.87 18.13
CA TRP C 253 -17.07 -25.24 16.80
C TRP C 253 -15.90 -25.72 15.95
N GLU C 254 -14.76 -25.98 16.60
CA GLU C 254 -13.56 -26.44 15.92
C GLU C 254 -13.76 -27.86 15.41
N ILE C 255 -14.69 -28.57 16.01
CA ILE C 255 -15.00 -29.94 15.60
C ILE C 255 -15.99 -29.96 14.43
N ALA C 256 -17.10 -29.25 14.60
CA ALA C 256 -18.12 -29.17 13.56
C ALA C 256 -17.60 -28.59 12.25
N THR C 257 -16.38 -28.02 12.27
CA THR C 257 -15.80 -27.44 11.06
C THR C 257 -14.45 -28.06 10.73
N LEU C 258 -14.16 -29.21 11.31
CA LEU C 258 -12.90 -29.89 11.09
C LEU C 258 -11.73 -28.95 11.21
N ALA C 259 -11.74 -28.18 12.29
CA ALA C 259 -10.68 -27.25 12.64
C ALA C 259 -10.45 -26.03 11.77
N GLU C 260 -11.51 -25.32 11.42
CA GLU C 260 -11.29 -24.09 10.66
C GLU C 260 -10.83 -23.06 11.69
N GLN C 261 -10.60 -21.83 11.26
CA GLN C 261 -10.17 -20.82 12.21
C GLN C 261 -11.36 -19.99 12.65
N PRO C 262 -11.62 -19.92 13.97
CA PRO C 262 -12.74 -19.14 14.51
C PRO C 262 -12.70 -17.70 14.03
N TYR C 263 -13.87 -17.16 13.69
CA TYR C 263 -14.01 -15.78 13.20
C TYR C 263 -13.07 -15.58 12.01
N GLN C 264 -13.44 -16.11 10.85
CA GLN C 264 -12.61 -15.99 9.66
C GLN C 264 -12.60 -14.57 9.13
N GLY C 265 -11.57 -14.23 8.37
CA GLY C 265 -11.49 -12.89 7.83
C GLY C 265 -11.68 -11.79 8.86
N LEU C 266 -11.18 -11.99 10.07
CA LEU C 266 -11.29 -10.98 11.15
C LEU C 266 -10.02 -10.92 12.00
N SER C 267 -9.43 -9.73 12.11
CA SER C 267 -8.22 -9.53 12.93
C SER C 267 -8.56 -9.71 14.39
N ASN C 268 -7.60 -10.11 15.20
CA ASN C 268 -7.86 -10.28 16.62
C ASN C 268 -8.45 -9.04 17.26
N GLU C 269 -8.07 -7.87 16.75
CA GLU C 269 -8.60 -6.66 17.34
C GLU C 269 -10.08 -6.57 17.05
N GLN C 270 -10.47 -7.09 15.88
CA GLN C 270 -11.87 -7.09 15.47
C GLN C 270 -12.64 -8.13 16.25
N VAL C 271 -12.06 -9.32 16.44
CA VAL C 271 -12.73 -10.39 17.19
C VAL C 271 -12.92 -9.96 18.63
N LEU C 272 -11.91 -9.23 19.12
CA LEU C 272 -11.89 -8.71 20.47
C LEU C 272 -13.13 -7.84 20.71
N ARG C 273 -13.30 -6.80 19.88
CA ARG C 273 -14.42 -5.91 20.06
C ARG C 273 -15.75 -6.54 19.62
N PHE C 274 -15.68 -7.48 18.68
CA PHE C 274 -16.89 -8.11 18.21
C PHE C 274 -17.55 -8.88 19.36
N VAL C 275 -16.85 -9.88 19.86
CA VAL C 275 -17.35 -10.68 20.97
C VAL C 275 -17.87 -9.82 22.11
N MET C 276 -17.10 -8.81 22.52
CA MET C 276 -17.50 -7.93 23.62
C MET C 276 -18.86 -7.30 23.41
N GLU C 277 -19.05 -6.73 22.21
CA GLU C 277 -20.31 -6.09 21.87
C GLU C 277 -21.45 -7.11 21.79
N GLY C 278 -21.15 -8.39 22.01
CA GLY C 278 -22.17 -9.41 21.97
C GLY C 278 -22.19 -10.35 20.77
N GLY C 279 -21.19 -10.21 19.89
CA GLY C 279 -21.12 -11.07 18.72
C GLY C 279 -20.76 -12.51 19.03
N LEU C 280 -21.11 -13.41 18.12
CA LEU C 280 -20.83 -14.84 18.30
C LEU C 280 -20.49 -15.49 16.97
N LEU C 281 -19.85 -16.66 17.02
CA LEU C 281 -19.52 -17.39 15.80
C LEU C 281 -20.87 -17.84 15.26
N ASP C 282 -20.89 -18.29 14.00
CA ASP C 282 -22.14 -18.75 13.42
C ASP C 282 -22.24 -20.27 13.27
N LYS C 283 -23.45 -20.77 13.16
CA LYS C 283 -23.70 -22.20 13.02
C LYS C 283 -23.06 -22.73 11.75
N PRO C 284 -22.02 -23.58 11.89
CA PRO C 284 -21.32 -24.17 10.74
C PRO C 284 -22.29 -24.93 9.85
N ASP C 285 -21.98 -24.98 8.56
CA ASP C 285 -22.84 -25.66 7.61
C ASP C 285 -23.01 -27.14 7.89
N ASN C 286 -24.22 -27.64 7.62
CA ASN C 286 -24.52 -29.04 7.82
C ASN C 286 -23.99 -29.51 9.16
N CYS C 287 -24.23 -28.69 10.17
CA CYS C 287 -23.82 -28.97 11.55
C CYS C 287 -25.02 -29.41 12.37
N PRO C 288 -24.88 -30.51 13.14
CA PRO C 288 -25.97 -31.01 13.96
C PRO C 288 -26.61 -29.97 14.87
N ASP C 289 -27.92 -29.85 14.78
CA ASP C 289 -28.66 -28.90 15.60
C ASP C 289 -28.17 -29.04 17.04
N MET C 290 -28.25 -30.24 17.58
CA MET C 290 -27.82 -30.48 18.94
C MET C 290 -26.51 -29.79 19.27
N LEU C 291 -25.47 -30.15 18.53
CA LEU C 291 -24.12 -29.60 18.72
C LEU C 291 -24.09 -28.07 18.80
N PHE C 292 -24.89 -27.42 17.97
CA PHE C 292 -24.94 -25.95 17.95
C PHE C 292 -25.61 -25.45 19.23
N GLU C 293 -26.66 -26.13 19.66
CA GLU C 293 -27.35 -25.72 20.86
C GLU C 293 -26.37 -25.74 22.02
N LEU C 294 -25.47 -26.72 22.01
CA LEU C 294 -24.49 -26.86 23.07
C LEU C 294 -23.49 -25.71 23.01
N MET C 295 -23.34 -25.13 21.82
CA MET C 295 -22.45 -24.01 21.61
C MET C 295 -23.11 -22.76 22.17
N ARG C 296 -24.31 -22.46 21.66
CA ARG C 296 -25.05 -21.28 22.09
C ARG C 296 -25.14 -21.27 23.60
N MET C 297 -25.33 -22.44 24.18
CA MET C 297 -25.38 -22.53 25.62
C MET C 297 -24.07 -21.98 26.20
N CYS C 298 -22.95 -22.63 25.84
CA CYS C 298 -21.63 -22.22 26.30
C CYS C 298 -21.31 -20.76 26.01
N TRP C 299 -21.96 -20.18 25.01
CA TRP C 299 -21.65 -18.79 24.69
C TRP C 299 -22.61 -17.74 25.20
N GLN C 300 -23.28 -18.01 26.31
CA GLN C 300 -24.18 -17.01 26.90
C GLN C 300 -23.26 -15.88 27.35
N TYR C 301 -23.73 -14.63 27.25
CA TYR C 301 -22.89 -13.50 27.64
C TYR C 301 -22.53 -13.56 29.12
N ASN C 302 -23.54 -13.74 29.97
CA ASN C 302 -23.33 -13.82 31.40
C ASN C 302 -22.86 -15.22 31.79
N PRO C 303 -21.65 -15.34 32.37
CA PRO C 303 -21.09 -16.64 32.77
C PRO C 303 -22.02 -17.48 33.63
N LYS C 304 -22.85 -16.80 34.41
CA LYS C 304 -23.79 -17.46 35.30
C LYS C 304 -24.73 -18.36 34.51
N MET C 305 -25.10 -17.92 33.30
CA MET C 305 -26.01 -18.69 32.45
C MET C 305 -25.37 -19.84 31.69
N ARG C 306 -24.06 -19.97 31.78
CA ARG C 306 -23.35 -21.04 31.09
C ARG C 306 -23.30 -22.30 31.93
N PRO C 307 -23.73 -23.45 31.36
CA PRO C 307 -23.71 -24.72 32.11
C PRO C 307 -22.32 -25.06 32.57
N SER C 308 -22.23 -25.76 33.69
CA SER C 308 -20.94 -26.17 34.21
C SER C 308 -20.55 -27.34 33.36
N PHE C 309 -19.29 -27.75 33.44
CA PHE C 309 -18.83 -28.89 32.67
C PHE C 309 -19.61 -30.12 33.06
N LEU C 310 -19.89 -30.26 34.36
CA LEU C 310 -20.65 -31.42 34.82
C LEU C 310 -22.06 -31.41 34.26
N GLU C 311 -22.67 -30.23 34.20
CA GLU C 311 -24.02 -30.11 33.66
C GLU C 311 -23.98 -30.50 32.20
N ILE C 312 -22.85 -30.24 31.55
CA ILE C 312 -22.64 -30.58 30.15
C ILE C 312 -22.67 -32.09 30.04
N ILE C 313 -21.59 -32.70 30.51
CA ILE C 313 -21.45 -34.15 30.51
C ILE C 313 -22.77 -34.82 30.82
N SER C 314 -23.54 -34.20 31.72
CA SER C 314 -24.82 -34.70 32.14
C SER C 314 -25.87 -34.68 31.03
N SER C 315 -26.02 -33.55 30.36
CA SER C 315 -27.01 -33.39 29.29
C SER C 315 -26.75 -34.28 28.10
N ILE C 316 -25.62 -34.99 28.10
CA ILE C 316 -25.28 -35.86 26.99
C ILE C 316 -24.66 -37.14 27.49
N LYS C 317 -24.77 -37.41 28.78
CA LYS C 317 -24.16 -38.62 29.35
C LYS C 317 -24.61 -39.91 28.68
N GLU C 318 -25.85 -39.92 28.21
CA GLU C 318 -26.39 -41.09 27.56
C GLU C 318 -26.03 -41.24 26.07
N GLU C 319 -25.14 -40.38 25.55
CA GLU C 319 -24.74 -40.44 24.14
C GLU C 319 -23.31 -40.92 24.01
N MET C 320 -22.67 -41.14 25.15
CA MET C 320 -21.29 -41.61 25.23
C MET C 320 -21.21 -43.08 24.88
N GLU C 321 -20.00 -43.62 24.87
CA GLU C 321 -19.82 -45.03 24.59
C GLU C 321 -19.79 -45.73 25.94
N PRO C 322 -20.24 -46.99 25.99
CA PRO C 322 -20.27 -47.76 27.24
C PRO C 322 -19.06 -47.59 28.16
N GLY C 323 -17.87 -47.86 27.64
CA GLY C 323 -16.68 -47.74 28.46
C GLY C 323 -16.63 -46.48 29.31
N PHE C 324 -17.04 -45.34 28.74
CA PHE C 324 -17.03 -44.05 29.43
C PHE C 324 -17.34 -44.16 30.92
N ARG C 325 -18.42 -44.87 31.23
CA ARG C 325 -18.85 -45.05 32.62
C ARG C 325 -17.79 -45.60 33.60
N GLU C 326 -16.95 -46.50 33.14
CA GLU C 326 -15.92 -47.10 34.00
C GLU C 326 -14.62 -46.32 34.16
N VAL C 327 -14.38 -45.32 33.32
CA VAL C 327 -13.13 -44.55 33.42
C VAL C 327 -13.31 -43.05 33.68
N SER C 328 -14.36 -42.48 33.12
CA SER C 328 -14.65 -41.06 33.26
C SER C 328 -14.72 -40.58 34.69
N PHE C 329 -14.14 -39.41 34.93
CA PHE C 329 -14.15 -38.80 36.25
C PHE C 329 -15.59 -38.56 36.67
N TYR C 330 -16.48 -38.38 35.69
CA TYR C 330 -17.89 -38.12 35.95
C TYR C 330 -18.60 -39.19 36.73
N TYR C 331 -18.33 -40.45 36.40
CA TYR C 331 -18.98 -41.56 37.08
C TYR C 331 -18.10 -42.14 38.20
N SER C 332 -17.01 -41.44 38.52
CA SER C 332 -16.10 -41.88 39.58
C SER C 332 -16.59 -41.48 40.96
N GLU C 333 -15.90 -41.96 41.98
CA GLU C 333 -16.26 -41.68 43.37
C GLU C 333 -15.87 -40.25 43.73
N GLU C 334 -14.70 -39.83 43.26
CA GLU C 334 -14.19 -38.50 43.54
C GLU C 334 -15.25 -37.45 43.26
N ASN C 335 -16.26 -37.79 42.46
CA ASN C 335 -17.34 -36.86 42.12
C ASN C 335 -18.41 -36.82 43.20
N LYS C 336 -17.97 -36.56 44.43
CA LYS C 336 -18.85 -36.46 45.59
C LYS C 336 -18.48 -35.22 46.42
N VAL D 36 -18.85 35.58 15.85
CA VAL D 36 -20.19 35.89 16.43
C VAL D 36 -20.97 36.81 15.51
N TYR D 37 -22.30 36.75 15.60
CA TYR D 37 -23.15 37.59 14.76
C TYR D 37 -23.22 39.02 15.29
N VAL D 38 -23.17 39.98 14.37
CA VAL D 38 -23.21 41.39 14.70
C VAL D 38 -24.08 42.15 13.69
N PRO D 39 -25.25 42.63 14.11
CA PRO D 39 -26.18 43.38 13.24
C PRO D 39 -25.47 44.45 12.40
N ASP D 40 -25.56 44.31 11.08
CA ASP D 40 -24.91 45.26 10.18
C ASP D 40 -25.72 45.46 8.91
N GLU D 41 -25.03 45.45 7.77
CA GLU D 41 -25.65 45.64 6.47
C GLU D 41 -26.68 44.55 6.16
N TRP D 42 -26.28 43.30 6.38
CA TRP D 42 -27.15 42.13 6.14
C TRP D 42 -28.46 42.17 6.91
N GLU D 43 -28.70 43.26 7.66
CA GLU D 43 -29.94 43.35 8.43
C GLU D 43 -31.08 43.94 7.61
N VAL D 44 -32.14 43.17 7.46
CA VAL D 44 -33.30 43.62 6.68
C VAL D 44 -34.56 43.69 7.51
N ALA D 45 -35.42 44.65 7.17
CA ALA D 45 -36.68 44.87 7.86
C ALA D 45 -37.58 43.65 7.71
N ARG D 46 -38.43 43.42 8.72
CA ARG D 46 -39.35 42.29 8.67
C ARG D 46 -40.54 42.62 7.76
N GLU D 47 -40.67 43.89 7.44
CA GLU D 47 -41.76 44.33 6.57
C GLU D 47 -41.48 43.85 5.16
N LYS D 48 -40.24 44.01 4.70
CA LYS D 48 -39.85 43.59 3.37
C LYS D 48 -39.93 42.07 3.21
N ILE D 49 -40.26 41.39 4.31
CA ILE D 49 -40.39 39.92 4.32
C ILE D 49 -41.82 39.47 4.58
N THR D 50 -42.28 38.48 3.82
CA THR D 50 -43.62 37.93 3.99
C THR D 50 -43.56 36.42 3.82
N MET D 51 -44.28 35.71 4.70
CA MET D 51 -44.31 34.26 4.66
C MET D 51 -45.62 33.74 4.07
N SER D 52 -45.52 32.68 3.27
CA SER D 52 -46.70 32.09 2.65
C SER D 52 -46.88 30.63 3.06
N ARG D 53 -46.45 29.72 2.20
CA ARG D 53 -46.57 28.29 2.46
C ARG D 53 -45.35 27.69 3.14
N GLU D 54 -45.59 26.80 4.09
CA GLU D 54 -44.55 26.13 4.86
C GLU D 54 -43.77 25.18 3.96
N LEU D 55 -42.64 24.71 4.47
CA LEU D 55 -41.79 23.78 3.74
C LEU D 55 -41.63 22.52 4.56
N GLY D 56 -40.96 22.65 5.70
CA GLY D 56 -40.74 21.52 6.57
C GLY D 56 -39.93 21.91 7.80
N GLN D 57 -40.02 21.12 8.85
CA GLN D 57 -39.30 21.39 10.09
C GLN D 57 -37.81 21.50 9.79
N GLY D 58 -37.21 22.61 10.23
CA GLY D 58 -35.80 22.83 9.98
C GLY D 58 -34.87 22.47 11.12
N SER D 59 -33.57 22.65 10.89
CA SER D 59 -32.56 22.35 11.89
C SER D 59 -32.86 23.01 13.22
N PHE D 60 -33.06 24.32 13.19
CA PHE D 60 -33.34 25.07 14.42
C PHE D 60 -34.79 25.54 14.54
N GLY D 61 -35.66 25.06 13.66
CA GLY D 61 -37.06 25.47 13.71
C GLY D 61 -37.70 25.46 12.33
N MET D 62 -39.03 25.46 12.29
CA MET D 62 -39.80 25.44 11.05
C MET D 62 -39.30 26.37 9.93
N VAL D 63 -39.43 25.90 8.68
CA VAL D 63 -38.99 26.67 7.52
C VAL D 63 -40.18 26.96 6.62
N TYR D 64 -40.17 28.16 6.03
CA TYR D 64 -41.26 28.60 5.15
C TYR D 64 -40.77 29.13 3.80
N GLU D 65 -41.70 29.20 2.85
CA GLU D 65 -41.41 29.68 1.50
C GLU D 65 -42.15 31.00 1.25
N GLY D 66 -41.60 31.82 0.36
CA GLY D 66 -42.22 33.10 0.06
C GLY D 66 -41.36 34.04 -0.75
N VAL D 67 -41.44 35.33 -0.48
CA VAL D 67 -40.67 36.34 -1.20
C VAL D 67 -40.08 37.41 -0.29
N ALA D 68 -39.19 38.23 -0.84
CA ALA D 68 -38.55 39.30 -0.09
C ALA D 68 -38.44 40.56 -0.94
N LYS D 69 -38.90 41.68 -0.38
CA LYS D 69 -38.86 42.96 -1.07
C LYS D 69 -37.51 43.65 -0.91
N GLY D 70 -36.80 43.82 -2.04
CA GLY D 70 -35.51 44.47 -2.02
C GLY D 70 -34.43 43.63 -1.35
N VAL D 71 -33.81 42.74 -2.12
CA VAL D 71 -32.77 41.87 -1.59
C VAL D 71 -31.71 41.55 -2.64
N VAL D 72 -32.12 41.52 -3.91
CA VAL D 72 -31.21 41.24 -5.01
C VAL D 72 -31.28 42.37 -6.04
N LYS D 73 -30.10 42.86 -6.47
CA LYS D 73 -30.01 43.96 -7.44
C LYS D 73 -30.90 43.73 -8.65
N ASP D 74 -31.71 44.72 -8.98
CA ASP D 74 -32.63 44.62 -10.12
C ASP D 74 -33.68 43.55 -9.89
N GLU D 75 -34.29 43.56 -8.70
CA GLU D 75 -35.32 42.59 -8.35
C GLU D 75 -36.23 43.11 -7.25
N PRO D 76 -37.42 43.62 -7.63
CA PRO D 76 -38.39 44.15 -6.68
C PRO D 76 -38.55 43.20 -5.50
N GLU D 77 -38.99 41.98 -5.82
CA GLU D 77 -39.17 40.94 -4.81
C GLU D 77 -38.38 39.73 -5.33
N THR D 78 -38.29 38.69 -4.52
CA THR D 78 -37.56 37.50 -4.94
C THR D 78 -38.03 36.27 -4.17
N ARG D 79 -38.21 35.16 -4.88
CA ARG D 79 -38.63 33.91 -4.25
C ARG D 79 -37.55 33.54 -3.23
N VAL D 80 -37.90 33.47 -1.96
CA VAL D 80 -36.92 33.14 -0.93
C VAL D 80 -37.37 32.01 0.00
N ALA D 81 -36.53 31.72 0.98
CA ALA D 81 -36.80 30.70 1.99
C ALA D 81 -36.61 31.36 3.34
N ILE D 82 -37.48 31.04 4.29
CA ILE D 82 -37.39 31.65 5.61
C ILE D 82 -37.17 30.63 6.72
N LYS D 83 -36.04 30.72 7.40
CA LYS D 83 -35.75 29.80 8.51
C LYS D 83 -36.23 30.44 9.81
N THR D 84 -36.47 29.62 10.83
CA THR D 84 -36.95 30.13 12.12
C THR D 84 -36.33 29.42 13.33
N VAL D 85 -36.85 29.74 14.52
CA VAL D 85 -36.36 29.14 15.75
C VAL D 85 -37.53 28.76 16.69
N GLU D 96 -28.07 31.40 19.02
CA GLU D 96 -26.97 30.73 18.33
C GLU D 96 -27.36 30.54 16.88
N PHE D 97 -28.66 30.60 16.63
CA PHE D 97 -29.24 30.43 15.30
C PHE D 97 -28.58 31.40 14.31
N LEU D 98 -28.43 32.66 14.73
CA LEU D 98 -27.83 33.70 13.91
C LEU D 98 -26.37 33.43 13.56
N ASN D 99 -25.62 32.94 14.53
CA ASN D 99 -24.20 32.67 14.35
C ASN D 99 -23.84 31.79 13.15
N GLU D 100 -24.71 30.85 12.82
CA GLU D 100 -24.47 29.99 11.66
C GLU D 100 -24.62 30.89 10.44
N ALA D 101 -25.80 31.47 10.26
CA ALA D 101 -26.12 32.38 9.15
C ALA D 101 -25.09 33.51 9.09
N SER D 102 -24.45 33.80 10.21
CA SER D 102 -23.44 34.85 10.28
C SER D 102 -22.30 34.52 9.33
N VAL D 103 -22.01 33.23 9.18
CA VAL D 103 -20.94 32.76 8.31
C VAL D 103 -21.26 32.87 6.81
N MET D 104 -22.54 32.74 6.46
CA MET D 104 -22.93 32.84 5.05
C MET D 104 -22.67 34.22 4.49
N LYS D 105 -22.10 35.08 5.33
CA LYS D 105 -21.80 36.44 4.93
C LYS D 105 -20.60 36.46 4.01
N GLU D 106 -19.51 35.85 4.47
CA GLU D 106 -18.28 35.76 3.69
C GLU D 106 -18.48 35.00 2.38
N PHE D 107 -19.56 34.24 2.30
CA PHE D 107 -19.81 33.42 1.11
C PHE D 107 -20.76 33.99 0.07
N ASN D 108 -20.42 33.73 -1.18
CA ASN D 108 -21.17 34.11 -2.37
C ASN D 108 -20.54 33.38 -3.54
N CYS D 109 -21.31 32.46 -4.13
CA CYS D 109 -20.87 31.65 -5.24
C CYS D 109 -22.08 30.95 -5.81
N HIS D 110 -22.19 30.89 -7.13
CA HIS D 110 -23.32 30.23 -7.77
C HIS D 110 -23.58 28.87 -7.17
N HIS D 111 -22.51 28.20 -6.72
CA HIS D 111 -22.61 26.88 -6.14
C HIS D 111 -22.54 26.82 -4.63
N VAL D 112 -23.21 27.78 -4.00
CA VAL D 112 -23.29 27.89 -2.55
C VAL D 112 -24.54 28.70 -2.24
N VAL D 113 -25.59 28.04 -1.76
CA VAL D 113 -26.85 28.71 -1.45
C VAL D 113 -26.55 30.10 -0.92
N ARG D 114 -27.05 31.12 -1.63
CA ARG D 114 -26.79 32.50 -1.24
C ARG D 114 -27.58 32.97 -0.03
N LEU D 115 -26.94 33.82 0.76
CA LEU D 115 -27.56 34.42 1.95
C LEU D 115 -28.03 35.81 1.55
N LEU D 116 -29.33 36.05 1.63
CA LEU D 116 -29.86 37.35 1.29
C LEU D 116 -29.76 38.28 2.50
N GLY D 117 -30.72 38.18 3.42
CA GLY D 117 -30.70 39.02 4.59
C GLY D 117 -30.91 38.24 5.87
N VAL D 118 -31.34 38.94 6.91
CA VAL D 118 -31.58 38.32 8.22
C VAL D 118 -32.22 39.33 9.16
N VAL D 119 -33.16 38.85 9.97
CA VAL D 119 -33.88 39.71 10.94
C VAL D 119 -33.36 39.53 12.37
N SER D 120 -32.42 40.39 12.77
CA SER D 120 -31.85 40.32 14.10
C SER D 120 -32.74 41.04 15.12
N GLN D 121 -33.17 42.26 14.76
CA GLN D 121 -34.02 43.05 15.64
C GLN D 121 -35.45 42.51 15.65
N GLY D 122 -35.89 42.03 16.81
CA GLY D 122 -37.24 41.49 16.93
C GLY D 122 -37.29 39.97 16.96
N GLN D 123 -38.51 39.45 17.05
CA GLN D 123 -38.73 38.00 17.08
C GLN D 123 -39.97 37.67 16.25
N PRO D 124 -39.98 36.48 15.60
CA PRO D 124 -38.92 35.47 15.58
C PRO D 124 -37.68 35.95 14.82
N THR D 125 -36.54 35.31 15.09
CA THR D 125 -35.30 35.66 14.41
C THR D 125 -35.13 34.73 13.20
N LEU D 126 -35.46 35.25 12.02
CA LEU D 126 -35.40 34.48 10.78
C LEU D 126 -34.15 34.73 9.95
N VAL D 127 -33.92 33.83 8.98
CA VAL D 127 -32.79 33.95 8.07
C VAL D 127 -33.32 33.78 6.64
N ILE D 128 -32.96 34.72 5.75
CA ILE D 128 -33.40 34.69 4.35
C ILE D 128 -32.32 34.15 3.43
N MET D 129 -32.66 33.17 2.61
CA MET D 129 -31.69 32.60 1.69
C MET D 129 -32.28 32.30 0.31
N GLU D 130 -31.40 32.13 -0.68
CA GLU D 130 -31.81 31.81 -2.04
C GLU D 130 -32.70 30.58 -2.03
N LEU D 131 -33.86 30.66 -2.67
CA LEU D 131 -34.77 29.52 -2.70
C LEU D 131 -34.30 28.34 -3.55
N MET D 132 -34.38 27.15 -2.96
CA MET D 132 -34.04 25.91 -3.64
C MET D 132 -35.34 25.11 -3.56
N THR D 133 -36.11 25.18 -4.64
CA THR D 133 -37.42 24.55 -4.75
C THR D 133 -37.52 23.04 -4.80
N ARG D 134 -36.43 22.36 -5.12
CA ARG D 134 -36.48 20.90 -5.21
C ARG D 134 -36.04 20.15 -3.95
N GLY D 135 -35.72 20.88 -2.89
CA GLY D 135 -35.33 20.25 -1.64
C GLY D 135 -33.85 19.93 -1.50
N ASP D 136 -33.53 19.15 -0.48
CA ASP D 136 -32.15 18.75 -0.22
C ASP D 136 -31.78 17.64 -1.19
N LEU D 137 -30.48 17.52 -1.47
CA LEU D 137 -29.99 16.52 -2.41
C LEU D 137 -30.36 15.09 -2.04
N LYS D 138 -30.36 14.78 -0.73
CA LYS D 138 -30.68 13.43 -0.28
C LYS D 138 -32.11 12.99 -0.58
N SER D 139 -33.09 13.81 -0.20
CA SER D 139 -34.49 13.52 -0.45
C SER D 139 -34.69 13.30 -1.94
N TYR D 140 -34.16 14.24 -2.72
CA TYR D 140 -34.24 14.19 -4.17
C TYR D 140 -33.71 12.84 -4.68
N LEU D 141 -32.45 12.56 -4.37
CA LEU D 141 -31.83 11.32 -4.80
C LEU D 141 -32.71 10.09 -4.57
N ARG D 142 -33.54 10.13 -3.52
CA ARG D 142 -34.40 8.99 -3.24
C ARG D 142 -35.69 8.98 -4.02
N SER D 143 -36.20 10.16 -4.35
CA SER D 143 -37.44 10.25 -5.11
C SER D 143 -37.24 9.74 -6.53
N LEU D 144 -35.99 9.67 -6.97
CA LEU D 144 -35.69 9.19 -8.31
C LEU D 144 -35.55 7.68 -8.33
N ARG D 145 -35.72 7.04 -7.18
CA ARG D 145 -35.62 5.59 -7.11
C ARG D 145 -36.81 4.93 -7.82
N PRO D 146 -36.55 3.91 -8.66
CA PRO D 146 -37.64 3.23 -9.37
C PRO D 146 -38.69 2.63 -8.42
N GLU D 147 -39.85 3.28 -8.37
CA GLU D 147 -40.94 2.84 -7.51
C GLU D 147 -42.14 2.37 -8.35
N VAL D 153 -40.57 13.22 -15.00
CA VAL D 153 -40.69 11.83 -14.57
C VAL D 153 -39.62 11.45 -13.54
N LEU D 154 -39.96 10.49 -12.68
CA LEU D 154 -39.05 10.01 -11.64
C LEU D 154 -37.97 9.19 -12.37
N ALA D 155 -36.97 9.88 -12.92
CA ALA D 155 -35.90 9.20 -13.66
C ALA D 155 -34.50 9.30 -13.05
N PRO D 156 -33.83 8.14 -12.86
CA PRO D 156 -32.47 8.01 -12.30
C PRO D 156 -31.40 8.74 -13.12
N PRO D 157 -30.47 9.43 -12.44
CA PRO D 157 -29.40 10.18 -13.10
C PRO D 157 -28.43 9.33 -13.93
N SER D 158 -27.97 9.90 -15.04
CA SER D 158 -27.03 9.20 -15.90
C SER D 158 -25.60 9.55 -15.51
N LEU D 159 -24.66 8.74 -15.94
CA LEU D 159 -23.25 8.98 -15.64
C LEU D 159 -22.97 10.45 -15.94
N SER D 160 -23.61 10.97 -16.96
CA SER D 160 -23.41 12.36 -17.32
C SER D 160 -24.04 13.26 -16.28
N LYS D 161 -25.34 13.09 -16.05
CA LYS D 161 -26.07 13.89 -15.06
C LYS D 161 -25.43 13.84 -13.66
N MET D 162 -24.65 12.79 -13.37
CA MET D 162 -24.00 12.70 -12.07
C MET D 162 -22.73 13.51 -12.00
N ILE D 163 -21.92 13.43 -13.06
CA ILE D 163 -20.69 14.20 -13.13
C ILE D 163 -21.09 15.66 -12.88
N GLN D 164 -22.18 16.10 -13.49
CA GLN D 164 -22.65 17.46 -13.30
C GLN D 164 -22.73 17.79 -11.82
N MET D 165 -23.57 17.06 -11.09
CA MET D 165 -23.74 17.28 -9.65
C MET D 165 -22.41 17.25 -8.90
N ALA D 166 -21.61 16.21 -9.16
CA ALA D 166 -20.32 16.10 -8.49
C ALA D 166 -19.57 17.42 -8.67
N GLY D 167 -19.46 17.84 -9.93
CA GLY D 167 -18.77 19.07 -10.28
C GLY D 167 -19.33 20.31 -9.61
N GLU D 168 -20.65 20.51 -9.68
CA GLU D 168 -21.24 21.68 -9.06
C GLU D 168 -20.87 21.67 -7.58
N ILE D 169 -21.03 20.51 -6.95
CA ILE D 169 -20.71 20.36 -5.53
C ILE D 169 -19.21 20.52 -5.26
N ALA D 170 -18.39 19.97 -6.14
CA ALA D 170 -16.95 20.07 -5.98
C ALA D 170 -16.47 21.48 -6.28
N ASP D 171 -17.36 22.30 -6.84
CA ASP D 171 -17.02 23.68 -7.20
C ASP D 171 -17.18 24.59 -5.98
N GLY D 172 -18.30 24.40 -5.27
CA GLY D 172 -18.57 25.17 -4.07
C GLY D 172 -17.52 24.92 -3.00
N MET D 173 -17.26 23.65 -2.74
CA MET D 173 -16.25 23.28 -1.76
C MET D 173 -14.90 23.92 -2.11
N ALA D 174 -14.52 23.84 -3.38
CA ALA D 174 -13.26 24.43 -3.82
C ALA D 174 -13.31 25.92 -3.48
N TYR D 175 -14.46 26.55 -3.75
CA TYR D 175 -14.65 27.96 -3.44
C TYR D 175 -14.44 28.21 -1.96
N LEU D 176 -15.16 27.47 -1.12
CA LEU D 176 -15.06 27.60 0.33
C LEU D 176 -13.64 27.33 0.81
N ASN D 177 -13.08 26.20 0.39
CA ASN D 177 -11.72 25.86 0.79
C ASN D 177 -10.76 26.93 0.31
N ALA D 178 -11.08 27.56 -0.80
CA ALA D 178 -10.24 28.61 -1.34
C ALA D 178 -10.25 29.82 -0.39
N ASN D 179 -11.42 30.09 0.19
CA ASN D 179 -11.58 31.21 1.12
C ASN D 179 -11.16 30.83 2.53
N LYS D 180 -10.34 29.78 2.64
CA LYS D 180 -9.83 29.33 3.93
C LYS D 180 -10.96 28.91 4.88
N PHE D 181 -11.87 28.06 4.37
CA PHE D 181 -13.00 27.55 5.15
C PHE D 181 -13.08 26.04 5.06
N VAL D 182 -13.50 25.40 6.15
CA VAL D 182 -13.66 23.96 6.19
C VAL D 182 -15.12 23.63 6.56
N HIS D 183 -15.83 22.99 5.64
CA HIS D 183 -17.22 22.64 5.85
C HIS D 183 -17.41 21.61 6.97
N ARG D 184 -16.50 20.64 7.05
CA ARG D 184 -16.56 19.60 8.07
C ARG D 184 -17.82 18.74 8.10
N ASP D 185 -18.77 18.99 7.20
CA ASP D 185 -20.00 18.24 7.23
C ASP D 185 -20.66 18.06 5.87
N LEU D 186 -19.84 17.85 4.85
CA LEU D 186 -20.34 17.68 3.49
C LEU D 186 -21.09 16.36 3.39
N ALA D 187 -22.33 16.44 2.92
CA ALA D 187 -23.17 15.27 2.76
C ALA D 187 -24.37 15.62 1.90
N ALA D 188 -24.97 14.61 1.27
CA ALA D 188 -26.14 14.83 0.41
C ALA D 188 -27.23 15.59 1.16
N ARG D 189 -27.49 15.22 2.40
CA ARG D 189 -28.50 15.91 3.16
C ARG D 189 -28.14 17.39 3.29
N ASN D 190 -26.86 17.73 3.18
CA ASN D 190 -26.45 19.11 3.31
C ASN D 190 -26.12 19.75 1.98
N CYS D 191 -26.97 19.52 1.00
CA CYS D 191 -26.81 20.09 -0.33
C CYS D 191 -28.21 20.40 -0.82
N MET D 192 -28.35 21.47 -1.58
CA MET D 192 -29.65 21.85 -2.08
C MET D 192 -29.76 21.63 -3.57
N VAL D 193 -30.98 21.46 -4.04
CA VAL D 193 -31.24 21.25 -5.46
C VAL D 193 -32.18 22.34 -5.96
N ALA D 194 -31.64 23.24 -6.76
CA ALA D 194 -32.41 24.36 -7.32
C ALA D 194 -33.50 23.88 -8.27
N GLU D 195 -34.41 24.78 -8.63
CA GLU D 195 -35.49 24.42 -9.54
C GLU D 195 -34.93 23.88 -10.85
N ASP D 196 -33.82 24.45 -11.31
CA ASP D 196 -33.22 24.02 -12.55
C ASP D 196 -32.21 22.87 -12.40
N PHE D 197 -32.36 22.10 -11.32
CA PHE D 197 -31.51 20.94 -11.03
C PHE D 197 -30.07 21.27 -10.66
N THR D 198 -29.81 22.50 -10.26
CA THR D 198 -28.46 22.88 -9.89
C THR D 198 -28.25 22.49 -8.44
N VAL D 199 -27.14 21.81 -8.15
CA VAL D 199 -26.86 21.42 -6.77
C VAL D 199 -25.93 22.45 -6.17
N LYS D 200 -26.27 22.94 -4.98
CA LYS D 200 -25.45 23.95 -4.30
C LYS D 200 -25.25 23.60 -2.83
N ILE D 201 -24.06 23.90 -2.30
CA ILE D 201 -23.74 23.61 -0.91
C ILE D 201 -24.67 24.37 0.07
N GLY D 202 -25.58 23.65 0.71
CA GLY D 202 -26.51 24.23 1.67
C GLY D 202 -26.17 23.87 3.10
N ASP D 203 -26.77 24.56 4.08
CA ASP D 203 -26.47 24.31 5.50
C ASP D 203 -24.96 24.40 5.83
N PHE D 204 -24.62 25.28 6.76
CA PHE D 204 -23.22 25.45 7.13
C PHE D 204 -23.04 25.44 8.65
N GLY D 205 -23.95 24.77 9.34
CA GLY D 205 -23.87 24.70 10.80
C GLY D 205 -22.51 24.39 11.41
N MET D 206 -21.76 23.47 10.81
CA MET D 206 -20.46 23.10 11.34
C MET D 206 -19.29 23.80 10.65
N THR D 207 -19.58 24.62 9.65
CA THR D 207 -18.52 25.33 8.94
C THR D 207 -17.61 26.09 9.89
N ARG D 208 -16.31 25.99 9.64
CA ARG D 208 -15.31 26.63 10.48
C ARG D 208 -14.19 27.23 9.66
N ASP D 209 -13.73 28.41 10.06
CA ASP D 209 -12.63 29.09 9.37
C ASP D 209 -11.27 28.58 9.80
N ILE D 210 -10.35 28.51 8.83
CA ILE D 210 -8.99 28.07 9.11
C ILE D 210 -7.96 28.96 8.43
N TYR D 211 -8.17 30.28 8.49
CA TYR D 211 -7.25 31.24 7.89
C TYR D 211 -5.97 31.24 8.73
N GLU D 212 -6.14 31.15 10.04
CA GLU D 212 -5.03 31.10 10.98
C GLU D 212 -4.12 29.94 10.62
N THR D 213 -4.60 28.71 10.86
CA THR D 213 -3.84 27.49 10.55
C THR D 213 -4.65 26.73 9.50
N ASP D 214 -4.04 25.73 8.87
CA ASP D 214 -4.75 24.95 7.84
C ASP D 214 -5.61 23.81 8.40
N TYR D 215 -5.65 23.68 9.73
CA TYR D 215 -6.43 22.63 10.39
C TYR D 215 -7.33 23.22 11.45
N TYR D 216 -8.37 22.49 11.81
CA TYR D 216 -9.32 22.93 12.83
C TYR D 216 -9.59 21.81 13.82
N ARG D 217 -9.77 22.17 15.10
CA ARG D 217 -10.06 21.20 16.15
C ARG D 217 -11.35 21.57 16.85
N LYS D 218 -12.05 20.59 17.41
CA LYS D 218 -13.30 20.88 18.12
C LYS D 218 -13.19 20.53 19.59
N GLY D 219 -14.25 20.82 20.34
CA GLY D 219 -14.28 20.52 21.77
C GLY D 219 -14.52 19.04 22.03
N GLY D 220 -15.78 18.67 22.25
CA GLY D 220 -16.13 17.28 22.51
C GLY D 220 -16.97 17.09 23.75
N LEU D 224 -21.12 15.29 15.27
CA LEU D 224 -20.22 14.25 14.81
C LEU D 224 -20.83 13.30 13.77
N PRO D 225 -20.90 13.72 12.50
CA PRO D 225 -21.46 12.88 11.43
C PRO D 225 -20.47 11.76 11.04
N VAL D 226 -20.35 10.79 11.95
CA VAL D 226 -19.43 9.67 11.80
C VAL D 226 -19.32 9.03 10.42
N ARG D 227 -20.44 8.59 9.89
CA ARG D 227 -20.45 7.92 8.60
C ARG D 227 -19.88 8.76 7.44
N TRP D 228 -19.62 10.04 7.71
CA TRP D 228 -19.10 10.92 6.68
C TRP D 228 -17.72 11.47 7.00
N MET D 229 -17.15 11.08 8.15
CA MET D 229 -15.85 11.60 8.58
C MET D 229 -14.60 10.81 8.22
N SER D 230 -13.54 11.56 7.90
CA SER D 230 -12.25 10.97 7.53
C SER D 230 -11.61 10.22 8.70
N PRO D 231 -10.64 9.36 8.39
CA PRO D 231 -9.96 8.58 9.43
C PRO D 231 -9.29 9.50 10.44
N GLU D 232 -8.72 10.59 9.95
CA GLU D 232 -8.04 11.54 10.82
C GLU D 232 -9.02 12.33 11.67
N SER D 233 -10.20 12.63 11.13
CA SER D 233 -11.19 13.39 11.90
C SER D 233 -11.83 12.57 13.02
N LEU D 234 -11.91 11.25 12.84
CA LEU D 234 -12.50 10.39 13.87
C LEU D 234 -11.54 10.20 15.04
N LYS D 235 -10.31 9.91 14.68
CA LYS D 235 -9.23 9.66 15.62
C LYS D 235 -8.72 10.90 16.35
N ASP D 236 -8.38 11.95 15.61
CA ASP D 236 -7.83 13.18 16.20
C ASP D 236 -8.72 14.42 16.19
N GLY D 237 -10.01 14.27 15.87
CA GLY D 237 -10.91 15.41 15.86
C GLY D 237 -10.40 16.64 15.13
N VAL D 238 -9.34 16.45 14.34
CA VAL D 238 -8.72 17.54 13.58
C VAL D 238 -9.25 17.56 12.15
N PHE D 239 -9.94 18.64 11.79
CA PHE D 239 -10.51 18.78 10.45
C PHE D 239 -9.65 19.62 9.49
N THR D 240 -9.48 19.10 8.27
CA THR D 240 -8.68 19.75 7.27
C THR D 240 -9.51 19.96 6.01
N THR D 241 -8.87 20.38 4.93
CA THR D 241 -9.58 20.58 3.69
C THR D 241 -9.63 19.20 3.02
N TYR D 242 -8.75 18.31 3.47
CA TYR D 242 -8.67 16.95 2.96
C TYR D 242 -9.81 16.14 3.55
N SER D 243 -10.24 16.51 4.77
CA SER D 243 -11.33 15.82 5.40
C SER D 243 -12.60 16.13 4.61
N ASP D 244 -12.70 17.35 4.09
CA ASP D 244 -13.88 17.70 3.30
C ASP D 244 -13.89 16.90 2.00
N VAL D 245 -12.70 16.68 1.44
CA VAL D 245 -12.62 15.90 0.21
C VAL D 245 -13.05 14.46 0.49
N TRP D 246 -12.73 13.97 1.68
CA TRP D 246 -13.14 12.61 2.05
C TRP D 246 -14.66 12.58 2.01
N SER D 247 -15.28 13.31 2.94
CA SER D 247 -16.74 13.37 3.00
C SER D 247 -17.29 13.43 1.60
N PHE D 248 -16.67 14.26 0.76
CA PHE D 248 -17.11 14.42 -0.62
C PHE D 248 -17.24 13.06 -1.27
N GLY D 249 -16.23 12.23 -1.03
CA GLY D 249 -16.21 10.88 -1.59
C GLY D 249 -17.41 10.07 -1.14
N VAL D 250 -17.94 10.41 0.03
CA VAL D 250 -19.10 9.71 0.53
C VAL D 250 -20.33 10.13 -0.26
N VAL D 251 -20.45 11.43 -0.56
CA VAL D 251 -21.63 11.89 -1.31
C VAL D 251 -21.62 11.29 -2.69
N LEU D 252 -20.43 11.07 -3.26
CA LEU D 252 -20.40 10.47 -4.58
C LEU D 252 -21.07 9.11 -4.44
N TRP D 253 -20.68 8.38 -3.41
CA TRP D 253 -21.27 7.07 -3.15
C TRP D 253 -22.78 7.27 -2.99
N GLU D 254 -23.15 8.32 -2.25
CA GLU D 254 -24.57 8.60 -2.03
C GLU D 254 -25.30 8.81 -3.36
N ILE D 255 -24.68 9.52 -4.29
CA ILE D 255 -25.30 9.75 -5.59
C ILE D 255 -25.41 8.42 -6.38
N ALA D 256 -24.36 7.63 -6.38
CA ALA D 256 -24.37 6.37 -7.10
C ALA D 256 -25.36 5.39 -6.56
N THR D 257 -25.67 5.49 -5.28
CA THR D 257 -26.61 4.56 -4.65
C THR D 257 -27.98 5.16 -4.46
N LEU D 258 -28.18 6.37 -4.99
CA LEU D 258 -29.47 7.04 -4.84
C LEU D 258 -29.85 7.20 -3.36
N ALA D 259 -28.86 7.60 -2.57
CA ALA D 259 -29.03 7.87 -1.15
C ALA D 259 -29.11 6.71 -0.15
N GLU D 260 -28.53 5.56 -0.47
CA GLU D 260 -28.56 4.45 0.49
C GLU D 260 -27.70 4.88 1.69
N GLN D 261 -27.98 4.34 2.88
CA GLN D 261 -27.18 4.70 4.04
C GLN D 261 -25.80 4.11 3.93
N PRO D 262 -24.76 4.89 4.27
CA PRO D 262 -23.42 4.35 4.16
C PRO D 262 -23.10 3.29 5.21
N TYR D 263 -22.16 2.41 4.89
CA TYR D 263 -21.76 1.36 5.81
C TYR D 263 -23.00 0.65 6.37
N GLN D 264 -23.80 0.07 5.47
CA GLN D 264 -25.03 -0.64 5.81
C GLN D 264 -24.80 -1.74 6.83
N GLY D 265 -25.73 -1.82 7.78
CA GLY D 265 -25.67 -2.84 8.82
C GLY D 265 -24.65 -2.60 9.91
N LEU D 266 -23.86 -1.53 9.80
CA LEU D 266 -22.84 -1.24 10.80
C LEU D 266 -23.27 -0.11 11.70
N SER D 267 -22.80 -0.14 12.94
CA SER D 267 -23.16 0.91 13.89
C SER D 267 -22.14 2.02 13.81
N ASN D 268 -22.52 3.23 14.20
CA ASN D 268 -21.59 4.36 14.17
C ASN D 268 -20.31 3.94 14.87
N GLU D 269 -20.49 3.35 16.05
CA GLU D 269 -19.35 2.88 16.82
C GLU D 269 -18.50 2.00 15.92
N GLN D 270 -19.13 1.04 15.27
CA GLN D 270 -18.43 0.13 14.38
C GLN D 270 -17.77 0.87 13.21
N VAL D 271 -18.51 1.76 12.54
CA VAL D 271 -17.95 2.50 11.43
C VAL D 271 -16.69 3.19 11.90
N LEU D 272 -16.78 3.80 13.07
CA LEU D 272 -15.64 4.52 13.65
C LEU D 272 -14.36 3.68 13.56
N ARG D 273 -14.38 2.53 14.22
CA ARG D 273 -13.22 1.65 14.26
C ARG D 273 -12.89 1.10 12.87
N PHE D 274 -13.91 0.87 12.07
CA PHE D 274 -13.71 0.33 10.72
C PHE D 274 -12.89 1.29 9.87
N VAL D 275 -13.36 2.54 9.79
CA VAL D 275 -12.70 3.56 8.99
C VAL D 275 -11.29 3.90 9.48
N MET D 276 -11.12 3.94 10.80
CA MET D 276 -9.82 4.25 11.36
C MET D 276 -8.80 3.16 11.04
N GLU D 277 -9.25 1.92 10.95
CA GLU D 277 -8.36 0.84 10.63
C GLU D 277 -8.08 0.70 9.15
N GLY D 278 -8.83 1.46 8.34
CA GLY D 278 -8.62 1.43 6.91
C GLY D 278 -9.79 0.97 6.07
N GLY D 279 -10.90 0.65 6.73
CA GLY D 279 -12.09 0.21 6.02
C GLY D 279 -12.61 1.23 5.02
N LEU D 280 -13.31 0.75 4.00
CA LEU D 280 -13.86 1.60 2.97
C LEU D 280 -15.21 1.11 2.48
N LEU D 281 -15.94 1.98 1.80
CA LEU D 281 -17.22 1.62 1.24
C LEU D 281 -16.88 0.75 0.04
N ASP D 282 -17.90 0.18 -0.59
CA ASP D 282 -17.69 -0.68 -1.73
C ASP D 282 -18.31 -0.12 -2.97
N LYS D 283 -17.75 -0.49 -4.11
CA LYS D 283 -18.26 -0.03 -5.38
C LYS D 283 -19.69 -0.51 -5.45
N PRO D 284 -20.63 0.43 -5.60
CA PRO D 284 -22.03 0.02 -5.67
C PRO D 284 -22.30 -0.77 -6.95
N ASP D 285 -23.33 -1.61 -6.92
CA ASP D 285 -23.70 -2.42 -8.08
C ASP D 285 -23.88 -1.55 -9.32
N ASN D 286 -23.16 -1.91 -10.40
CA ASN D 286 -23.23 -1.20 -11.68
C ASN D 286 -23.10 0.31 -11.50
N CYS D 287 -21.93 0.71 -11.01
CA CYS D 287 -21.61 2.11 -10.77
C CYS D 287 -20.51 2.45 -11.74
N PRO D 288 -20.67 3.56 -12.45
CA PRO D 288 -19.71 4.04 -13.43
C PRO D 288 -18.29 3.80 -12.95
N ASP D 289 -17.47 3.19 -13.80
CA ASP D 289 -16.09 2.94 -13.44
C ASP D 289 -15.41 4.17 -12.83
N MET D 290 -15.34 5.27 -13.56
CA MET D 290 -14.67 6.44 -13.05
C MET D 290 -15.26 7.00 -11.75
N LEU D 291 -16.58 7.03 -11.67
CA LEU D 291 -17.25 7.57 -10.49
C LEU D 291 -16.75 6.84 -9.24
N PHE D 292 -16.31 5.59 -9.40
CA PHE D 292 -15.82 4.82 -8.26
C PHE D 292 -14.35 5.11 -7.99
N GLU D 293 -13.57 5.28 -9.07
CA GLU D 293 -12.17 5.57 -8.92
C GLU D 293 -11.96 6.99 -8.37
N LEU D 294 -12.99 7.83 -8.50
CA LEU D 294 -12.91 9.19 -7.98
C LEU D 294 -13.15 9.04 -6.49
N MET D 295 -14.04 8.11 -6.15
CA MET D 295 -14.36 7.84 -4.77
C MET D 295 -13.10 7.39 -4.07
N ARG D 296 -12.54 6.27 -4.50
CA ARG D 296 -11.32 5.75 -3.88
C ARG D 296 -10.23 6.82 -3.81
N MET D 297 -10.20 7.70 -4.80
CA MET D 297 -9.21 8.78 -4.85
C MET D 297 -9.34 9.61 -3.56
N CYS D 298 -10.55 10.03 -3.24
CA CYS D 298 -10.81 10.82 -2.03
C CYS D 298 -10.68 10.02 -0.75
N TRP D 299 -10.70 8.69 -0.85
CA TRP D 299 -10.60 7.86 0.34
C TRP D 299 -9.20 7.28 0.53
N GLN D 300 -8.19 8.13 0.46
CA GLN D 300 -6.82 7.69 0.68
C GLN D 300 -6.59 7.97 2.17
N TYR D 301 -6.00 7.02 2.88
CA TYR D 301 -5.76 7.21 4.31
C TYR D 301 -4.85 8.42 4.57
N ASN D 302 -3.73 8.50 3.86
CA ASN D 302 -2.79 9.61 3.98
C ASN D 302 -3.57 10.76 3.34
N PRO D 303 -4.02 11.74 4.14
CA PRO D 303 -4.79 12.89 3.63
C PRO D 303 -4.18 13.64 2.47
N LYS D 304 -2.93 14.06 2.64
CA LYS D 304 -2.25 14.83 1.59
C LYS D 304 -2.19 14.08 0.26
N MET D 305 -2.75 12.88 0.21
CA MET D 305 -2.74 12.07 -1.00
C MET D 305 -4.10 12.21 -1.75
N ARG D 306 -5.11 12.73 -1.05
CA ARG D 306 -6.44 12.92 -1.63
C ARG D 306 -6.48 14.13 -2.55
N PRO D 307 -7.03 13.97 -3.77
CA PRO D 307 -7.10 15.09 -4.71
C PRO D 307 -7.87 16.26 -4.11
N SER D 308 -7.48 17.49 -4.44
CA SER D 308 -8.16 18.68 -3.92
C SER D 308 -9.37 18.91 -4.80
N PHE D 309 -10.29 19.76 -4.34
CA PHE D 309 -11.50 20.03 -5.10
C PHE D 309 -11.17 20.57 -6.49
N LEU D 310 -10.08 21.30 -6.60
CA LEU D 310 -9.69 21.87 -7.90
C LEU D 310 -9.22 20.77 -8.83
N GLU D 311 -8.44 19.84 -8.28
CA GLU D 311 -7.93 18.74 -9.06
C GLU D 311 -9.10 17.84 -9.42
N ILE D 312 -10.10 17.77 -8.53
CA ILE D 312 -11.29 16.97 -8.80
C ILE D 312 -11.87 17.51 -10.10
N ILE D 313 -12.21 18.81 -10.08
CA ILE D 313 -12.80 19.45 -11.25
C ILE D 313 -11.90 19.40 -12.49
N SER D 314 -10.59 19.45 -12.29
CA SER D 314 -9.63 19.41 -13.42
C SER D 314 -9.69 18.10 -14.19
N SER D 315 -10.33 17.10 -13.59
CA SER D 315 -10.47 15.79 -14.20
C SER D 315 -11.80 15.62 -14.92
N ILE D 316 -12.80 16.42 -14.57
CA ILE D 316 -14.10 16.29 -15.19
C ILE D 316 -14.56 17.58 -15.84
N LYS D 317 -13.70 18.60 -15.82
CA LYS D 317 -14.04 19.89 -16.41
C LYS D 317 -14.69 19.73 -17.78
N GLU D 318 -14.12 18.84 -18.59
CA GLU D 318 -14.61 18.58 -19.94
C GLU D 318 -15.98 17.86 -19.93
N GLU D 319 -16.06 16.74 -19.20
CA GLU D 319 -17.30 16.00 -19.14
C GLU D 319 -18.39 16.85 -18.50
N MET D 320 -18.03 18.07 -18.12
CA MET D 320 -18.99 18.99 -17.51
C MET D 320 -19.81 19.61 -18.62
N GLU D 321 -20.85 20.34 -18.23
CA GLU D 321 -21.73 20.99 -19.18
C GLU D 321 -21.22 22.35 -19.63
N PRO D 322 -21.83 22.90 -20.69
CA PRO D 322 -21.50 24.19 -21.29
C PRO D 322 -21.51 25.40 -20.36
N GLY D 323 -22.68 25.70 -19.81
CA GLY D 323 -22.80 26.85 -18.91
C GLY D 323 -21.91 26.88 -17.69
N PHE D 324 -21.23 25.76 -17.42
CA PHE D 324 -20.34 25.66 -16.25
C PHE D 324 -19.30 26.77 -16.22
N ARG D 325 -18.51 26.88 -17.29
CA ARG D 325 -17.45 27.89 -17.36
C ARG D 325 -17.90 29.29 -16.98
N GLU D 326 -19.12 29.64 -17.38
CA GLU D 326 -19.67 30.96 -17.11
C GLU D 326 -19.97 31.23 -15.63
N VAL D 327 -20.46 30.21 -14.92
CA VAL D 327 -20.81 30.35 -13.50
C VAL D 327 -19.86 29.73 -12.48
N SER D 328 -19.12 28.71 -12.89
CA SER D 328 -18.19 28.03 -11.98
C SER D 328 -17.09 28.91 -11.40
N PHE D 329 -16.83 28.74 -10.10
CA PHE D 329 -15.77 29.48 -9.41
C PHE D 329 -14.43 29.06 -10.01
N TYR D 330 -14.40 27.82 -10.48
CA TYR D 330 -13.20 27.24 -11.07
C TYR D 330 -12.58 28.12 -12.14
N TYR D 331 -13.38 28.49 -13.13
CA TYR D 331 -12.91 29.33 -14.24
C TYR D 331 -12.88 30.82 -13.88
N SER D 332 -13.64 31.21 -12.87
CA SER D 332 -13.73 32.60 -12.42
C SER D 332 -12.39 33.31 -12.27
N GLU D 333 -12.45 34.65 -12.21
CA GLU D 333 -11.26 35.48 -12.05
C GLU D 333 -10.69 35.28 -10.65
N GLU D 334 -11.61 35.18 -9.68
CA GLU D 334 -11.26 35.01 -8.26
C GLU D 334 -10.37 33.79 -7.99
N ASN D 335 -10.07 33.01 -9.01
CA ASN D 335 -9.21 31.85 -8.86
C ASN D 335 -8.22 31.81 -10.01
#